data_1XLK
#
_entry.id   1XLK
#
_cell.length_a   105.800
_cell.length_b   105.800
_cell.length_c   154.300
_cell.angle_alpha   90.00
_cell.angle_beta   90.00
_cell.angle_gamma   120.00
#
_symmetry.space_group_name_H-M   'P 31 2 1'
#
loop_
_entity.id
_entity.type
_entity.pdbx_description
1 polymer 'D-XYLOSE ISOMERASE'
2 non-polymer 'MANGANESE (II) ION'
3 water water
#
_entity_poly.entity_id   1
_entity_poly.type   'polypeptide(L)'
_entity_poly.pdbx_seq_one_letter_code
;SVQPTPADHFTFGLWTVGWTGADPFGVATRKNLDPVEAVHKLAELGAYGITFHDNDLIPFDATEAEREKILGDFNQALKD
TGLKVPMVTTNLFSHPVFKDGGFTSNDRSIRRFALAKVLHNIDLAAEMGAETFVMWGGREGSEYDGSKDLAAALDRMREG
VDTAAGYIKDKGYNLRIALEPKPNEPRGDIFLPTVGHGLAFIEQLEHGDIVGLNPETGHEQMAGLNFTHGIAQALWAEKL
FHIDLNGQRGIKYDQDLVFGHGDLTSAFFTVDLLENGFPNGGPKYTGPRHFDYKPSRTDGYDGVWDSAKANMSMYLLLKE
RALAFRADPEVQEAMKTSGVFELGETTLNAGESAADLMNDSASFAGFDAEAAAERNFAFIRLNQLAIEHLLGSR
;
_entity_poly.pdbx_strand_id   A,B
#
loop_
_chem_comp.id
_chem_comp.type
_chem_comp.name
_chem_comp.formula
MN non-polymer 'MANGANESE (II) ION' 'Mn 2'
#
# COMPACT_ATOMS: atom_id res chain seq x y z
N VAL A 2 -3.20 26.12 4.89
CA VAL A 2 -3.10 25.22 6.04
C VAL A 2 -1.88 25.62 6.89
N GLN A 3 -2.20 26.14 8.07
CA GLN A 3 -1.10 26.54 8.99
C GLN A 3 -1.47 25.91 10.32
N PRO A 4 -0.54 25.13 10.85
CA PRO A 4 -0.81 24.48 12.12
C PRO A 4 -0.75 25.52 13.22
N THR A 5 -1.55 25.31 14.20
CA THR A 5 -1.54 26.14 15.40
C THR A 5 -1.46 25.17 16.54
N PRO A 6 -0.92 25.59 17.68
CA PRO A 6 -0.87 24.80 18.93
C PRO A 6 -2.14 24.09 19.28
N ALA A 7 -3.34 24.43 18.94
CA ALA A 7 -4.68 24.03 18.95
C ALA A 7 -5.01 22.73 18.19
N ASP A 8 -4.17 22.41 17.23
CA ASP A 8 -4.11 21.27 16.37
C ASP A 8 -3.53 20.12 17.17
N HIS A 9 -2.65 20.38 18.14
CA HIS A 9 -2.08 19.38 19.03
C HIS A 9 -1.11 18.41 18.35
N PHE A 10 -0.30 18.95 17.48
CA PHE A 10 0.71 18.18 16.77
C PHE A 10 1.90 18.07 17.71
N THR A 11 2.30 16.86 18.05
CA THR A 11 3.43 16.59 18.92
C THR A 11 4.45 15.85 18.03
N PHE A 12 5.73 15.97 18.33
CA PHE A 12 6.85 15.39 17.64
C PHE A 12 7.83 14.80 18.63
N GLY A 13 8.55 13.80 18.32
CA GLY A 13 9.50 13.27 19.35
C GLY A 13 10.82 13.96 19.02
N LEU A 14 11.70 14.01 19.97
CA LEU A 14 13.05 14.57 19.87
C LEU A 14 13.95 13.78 18.97
N TRP A 15 13.75 12.45 19.06
CA TRP A 15 14.39 11.39 18.27
C TRP A 15 13.97 11.40 16.80
N THR A 16 12.85 11.97 16.44
CA THR A 16 12.32 12.10 15.09
C THR A 16 13.12 13.07 14.22
N VAL A 17 13.04 14.37 14.50
CA VAL A 17 13.82 15.41 13.80
C VAL A 17 15.30 15.28 14.21
N GLY A 18 15.60 14.71 15.39
CA GLY A 18 16.93 14.39 15.86
C GLY A 18 17.55 13.15 15.22
N TRP A 19 16.84 12.35 14.44
CA TRP A 19 17.40 11.17 13.80
C TRP A 19 18.53 11.62 12.86
N THR A 20 19.67 11.14 13.18
CA THR A 20 21.00 11.38 12.59
C THR A 20 21.30 10.63 11.38
N GLY A 21 20.54 9.59 10.97
CA GLY A 21 20.73 8.90 9.72
C GLY A 21 21.35 7.56 9.76
N ALA A 22 21.76 7.12 10.94
CA ALA A 22 22.39 5.78 10.99
C ALA A 22 21.29 4.73 10.79
N ASP A 23 21.61 3.81 9.92
CA ASP A 23 20.68 2.68 9.64
C ASP A 23 21.60 1.49 9.77
N PRO A 24 21.11 0.29 9.50
CA PRO A 24 21.89 -0.97 9.53
C PRO A 24 22.99 -1.10 8.48
N PHE A 25 22.90 -0.36 7.34
CA PHE A 25 23.91 -0.44 6.32
C PHE A 25 24.77 0.80 6.27
N GLY A 26 24.60 1.74 7.19
CA GLY A 26 25.35 2.97 7.18
C GLY A 26 25.31 3.87 8.39
N VAL A 27 26.32 4.78 8.37
CA VAL A 27 26.50 5.75 9.45
C VAL A 27 25.62 6.98 9.29
N ALA A 28 25.55 7.73 10.37
CA ALA A 28 24.76 8.99 10.37
C ALA A 28 25.12 9.91 9.26
N THR A 29 24.21 10.70 8.70
CA THR A 29 24.58 11.63 7.59
C THR A 29 24.43 13.09 8.00
N ARG A 30 23.90 13.31 9.20
CA ARG A 30 23.60 14.52 9.92
C ARG A 30 24.27 14.52 11.31
N LYS A 31 24.60 15.79 11.67
CA LYS A 31 25.21 16.09 12.99
C LYS A 31 24.13 15.93 14.10
N ASN A 32 24.52 15.75 15.35
CA ASN A 32 23.50 15.60 16.38
C ASN A 32 22.69 16.89 16.51
N LEU A 33 21.44 16.79 16.94
CA LEU A 33 20.63 18.00 17.13
C LEU A 33 20.67 18.45 18.60
N ASP A 34 20.84 19.73 18.90
CA ASP A 34 20.82 20.20 20.26
C ASP A 34 19.32 20.21 20.60
N PRO A 35 18.97 19.70 21.79
CA PRO A 35 17.56 19.66 22.25
C PRO A 35 16.89 21.01 22.31
N VAL A 36 17.59 22.05 22.71
CA VAL A 36 17.16 23.42 22.84
C VAL A 36 16.67 23.98 21.52
N GLU A 37 17.44 23.74 20.48
CA GLU A 37 17.14 24.10 19.13
C GLU A 37 15.96 23.30 18.56
N ALA A 38 15.80 22.02 18.91
CA ALA A 38 14.71 21.16 18.47
C ALA A 38 13.42 21.86 18.91
N VAL A 39 13.35 22.14 20.21
CA VAL A 39 12.29 22.80 20.90
C VAL A 39 11.94 24.15 20.29
N HIS A 40 12.85 25.02 20.02
CA HIS A 40 12.66 26.35 19.46
C HIS A 40 12.19 26.21 18.02
N LYS A 41 12.83 25.40 17.22
CA LYS A 41 12.46 25.19 15.83
C LYS A 41 11.02 24.69 15.62
N LEU A 42 10.57 23.72 16.37
CA LEU A 42 9.27 23.09 16.39
C LEU A 42 8.19 24.08 16.84
N ALA A 43 8.51 24.88 17.83
CA ALA A 43 7.70 25.97 18.36
C ALA A 43 7.44 26.94 17.21
N GLU A 44 8.40 27.37 16.42
CA GLU A 44 8.21 28.23 15.27
C GLU A 44 7.44 27.53 14.17
N LEU A 45 7.44 26.24 13.95
CA LEU A 45 6.68 25.54 12.95
C LEU A 45 5.24 25.39 13.38
N GLY A 46 4.81 25.37 14.60
CA GLY A 46 3.40 25.23 14.92
C GLY A 46 3.15 24.10 15.88
N ALA A 47 4.18 23.38 16.27
CA ALA A 47 4.02 22.28 17.19
C ALA A 47 3.38 22.79 18.50
N TYR A 48 2.67 21.87 19.12
CA TYR A 48 1.95 21.98 20.37
C TYR A 48 2.93 21.43 21.41
N GLY A 49 3.61 20.37 21.09
CA GLY A 49 4.53 19.81 22.08
C GLY A 49 5.54 18.85 21.52
N ILE A 50 6.43 18.52 22.44
CA ILE A 50 7.58 17.63 22.20
C ILE A 50 7.53 16.39 23.09
N THR A 51 8.13 15.27 22.67
CA THR A 51 8.10 14.03 23.48
C THR A 51 9.51 13.46 23.40
N PHE A 52 9.87 12.65 24.41
CA PHE A 52 11.25 12.07 24.32
C PHE A 52 11.28 10.74 25.03
N HIS A 53 12.39 10.04 24.76
CA HIS A 53 12.82 8.81 25.41
C HIS A 53 13.85 9.31 26.48
N ASP A 54 13.90 8.82 27.66
CA ASP A 54 14.89 9.23 28.68
C ASP A 54 16.25 9.45 28.02
N ASN A 55 16.92 8.52 27.35
CA ASN A 55 18.22 8.66 26.72
C ASN A 55 18.35 9.51 25.48
N ASP A 56 17.27 10.10 24.95
CA ASP A 56 17.36 11.02 23.81
C ASP A 56 17.88 12.38 24.34
N LEU A 57 17.51 12.70 25.53
CA LEU A 57 17.80 13.84 26.30
C LEU A 57 18.95 13.63 27.23
N ILE A 58 18.90 12.64 28.08
CA ILE A 58 19.94 12.37 29.11
C ILE A 58 20.69 11.11 28.77
N PRO A 59 21.98 11.29 28.48
CA PRO A 59 22.84 10.14 28.09
C PRO A 59 22.79 9.08 29.12
N PHE A 60 22.92 7.81 28.77
CA PHE A 60 22.90 6.62 29.62
C PHE A 60 23.79 6.73 30.85
N ASP A 61 25.01 7.11 30.62
CA ASP A 61 26.14 7.35 31.47
C ASP A 61 26.28 8.77 32.06
N ALA A 62 25.38 9.69 31.87
CA ALA A 62 25.43 11.01 32.41
C ALA A 62 25.61 11.06 33.91
N THR A 63 26.56 11.87 34.40
CA THR A 63 26.71 12.07 35.88
C THR A 63 25.57 12.95 36.32
N GLU A 64 25.35 13.18 37.57
CA GLU A 64 24.25 13.98 38.12
C GLU A 64 24.31 15.46 37.75
N ALA A 65 25.53 15.99 37.69
CA ALA A 65 25.74 17.41 37.38
C ALA A 65 25.28 17.49 35.94
N GLU A 66 25.83 16.71 35.05
CA GLU A 66 25.35 16.68 33.63
C GLU A 66 23.87 16.61 33.47
N ARG A 67 23.11 15.72 34.12
CA ARG A 67 21.69 15.54 34.05
C ARG A 67 20.94 16.77 34.46
N GLU A 68 21.42 17.47 35.48
CA GLU A 68 20.76 18.68 35.97
C GLU A 68 20.86 19.87 34.99
N LYS A 69 22.04 19.95 34.37
CA LYS A 69 22.41 20.94 33.40
C LYS A 69 21.43 20.83 32.24
N ILE A 70 21.46 19.59 31.64
CA ILE A 70 20.60 19.23 30.52
C ILE A 70 19.15 19.52 30.82
N LEU A 71 18.62 19.17 31.95
CA LEU A 71 17.24 19.42 32.34
C LEU A 71 16.97 20.91 32.52
N GLY A 72 17.93 21.65 33.02
CA GLY A 72 17.87 23.09 33.19
C GLY A 72 17.73 23.78 31.85
N ASP A 73 18.52 23.39 30.89
CA ASP A 73 18.60 23.85 29.48
C ASP A 73 17.27 23.57 28.76
N PHE A 74 16.81 22.33 28.88
CA PHE A 74 15.56 21.85 28.28
C PHE A 74 14.33 22.48 28.87
N ASN A 75 14.28 22.63 30.20
CA ASN A 75 13.18 23.28 30.91
C ASN A 75 13.13 24.77 30.60
N GLN A 76 14.24 25.39 30.32
CA GLN A 76 14.43 26.76 29.91
C GLN A 76 13.72 27.05 28.58
N ALA A 77 14.08 26.27 27.55
CA ALA A 77 13.57 26.30 26.19
C ALA A 77 12.05 26.14 26.15
N LEU A 78 11.53 25.21 26.94
CA LEU A 78 10.14 24.95 27.10
C LEU A 78 9.42 26.18 27.69
N LYS A 79 10.00 26.81 28.74
CA LYS A 79 9.40 28.01 29.33
C LYS A 79 9.42 29.12 28.27
N ASP A 80 10.53 29.31 27.57
CA ASP A 80 10.65 30.29 26.52
C ASP A 80 9.57 30.13 25.42
N THR A 81 9.40 28.95 24.88
CA THR A 81 8.48 28.67 23.79
C THR A 81 7.07 28.29 24.14
N GLY A 82 6.76 27.79 25.30
CA GLY A 82 5.44 27.36 25.70
C GLY A 82 5.07 25.92 25.34
N LEU A 83 5.98 25.12 24.84
CA LEU A 83 5.81 23.74 24.42
C LEU A 83 5.50 22.94 25.70
N LYS A 84 4.54 22.09 25.53
CA LYS A 84 4.00 21.12 26.49
C LYS A 84 4.84 19.88 26.26
N VAL A 85 4.92 18.92 27.14
CA VAL A 85 5.62 17.63 27.06
C VAL A 85 4.50 16.63 27.47
N PRO A 86 3.67 16.28 26.47
CA PRO A 86 2.55 15.38 26.68
C PRO A 86 2.84 13.92 26.83
N MET A 87 3.98 13.39 26.39
CA MET A 87 4.28 11.93 26.51
C MET A 87 5.77 11.78 26.73
N VAL A 88 6.18 10.83 27.54
CA VAL A 88 7.62 10.54 27.82
C VAL A 88 7.71 9.00 27.68
N THR A 89 8.80 8.43 27.23
CA THR A 89 8.93 6.96 27.09
C THR A 89 10.33 6.56 27.48
N THR A 90 10.67 5.32 27.69
CA THR A 90 11.94 4.82 28.14
C THR A 90 12.66 4.13 26.97
N ASN A 91 13.97 4.17 27.03
CA ASN A 91 14.73 3.50 25.99
C ASN A 91 15.16 2.17 26.66
N LEU A 92 14.49 1.11 26.27
CA LEU A 92 14.86 -0.24 26.71
C LEU A 92 15.39 -1.02 25.51
N PHE A 93 16.06 -0.43 24.53
CA PHE A 93 16.48 -1.20 23.35
C PHE A 93 17.85 -0.85 22.81
N SER A 94 18.41 0.35 23.07
CA SER A 94 19.72 0.60 22.46
C SER A 94 20.96 0.07 23.15
N HIS A 95 21.06 0.12 24.44
CA HIS A 95 22.31 -0.41 25.06
C HIS A 95 22.39 -1.90 24.91
N PRO A 96 23.58 -2.50 24.76
CA PRO A 96 23.82 -3.94 24.69
C PRO A 96 23.20 -4.69 25.81
N VAL A 97 23.00 -4.30 27.05
CA VAL A 97 22.35 -5.02 28.11
C VAL A 97 20.92 -5.48 27.74
N PHE A 98 20.19 -4.69 26.96
CA PHE A 98 18.88 -4.88 26.46
C PHE A 98 18.77 -5.75 25.23
N LYS A 99 19.76 -6.50 24.80
CA LYS A 99 19.74 -7.38 23.65
C LYS A 99 18.68 -8.47 23.65
N ASP A 100 18.20 -8.95 24.78
CA ASP A 100 17.19 -9.95 24.91
C ASP A 100 15.94 -9.31 25.42
N GLY A 101 15.90 -7.98 25.52
CA GLY A 101 14.66 -7.34 26.09
C GLY A 101 15.06 -6.67 27.41
N GLY A 102 14.04 -6.01 27.91
CA GLY A 102 14.16 -5.29 29.21
C GLY A 102 13.23 -6.13 30.13
N PHE A 103 11.95 -5.90 30.04
CA PHE A 103 10.95 -6.66 30.85
C PHE A 103 10.93 -8.19 30.65
N THR A 104 11.24 -8.70 29.45
CA THR A 104 11.18 -10.12 29.19
C THR A 104 12.50 -10.76 28.85
N SER A 105 13.55 -10.12 29.27
CA SER A 105 14.92 -10.65 29.16
C SER A 105 14.85 -11.95 29.97
N ASN A 106 15.64 -12.95 29.66
CA ASN A 106 15.84 -14.27 30.23
C ASN A 106 16.65 -14.09 31.55
N ASP A 107 17.60 -13.14 31.48
CA ASP A 107 18.36 -12.72 32.64
C ASP A 107 17.52 -11.87 33.59
N ARG A 108 17.37 -12.33 34.85
CA ARG A 108 16.60 -11.65 35.90
C ARG A 108 17.14 -10.33 36.38
N SER A 109 18.47 -10.20 36.45
CA SER A 109 19.08 -8.93 36.94
C SER A 109 18.76 -7.91 35.88
N ILE A 110 18.94 -8.21 34.57
CA ILE A 110 18.51 -7.26 33.51
C ILE A 110 17.05 -6.88 33.62
N ARG A 111 16.14 -7.84 33.85
CA ARG A 111 14.71 -7.55 34.03
C ARG A 111 14.55 -6.51 35.12
N ARG A 112 15.23 -6.60 36.25
CA ARG A 112 15.20 -5.69 37.41
C ARG A 112 15.74 -4.29 37.08
N PHE A 113 16.90 -4.31 36.43
CA PHE A 113 17.46 -3.03 35.94
C PHE A 113 16.45 -2.29 35.08
N ALA A 114 15.87 -2.97 34.11
CA ALA A 114 14.88 -2.43 33.19
C ALA A 114 13.73 -1.84 33.91
N LEU A 115 13.15 -2.55 34.87
CA LEU A 115 12.00 -2.05 35.64
C LEU A 115 12.37 -0.85 36.49
N ALA A 116 13.55 -0.85 37.09
CA ALA A 116 14.07 0.28 37.95
C ALA A 116 14.15 1.51 37.05
N LYS A 117 14.80 1.30 35.86
CA LYS A 117 14.98 2.28 34.81
C LYS A 117 13.63 2.90 34.42
N VAL A 118 12.53 2.20 34.31
CA VAL A 118 11.18 2.60 33.97
C VAL A 118 10.59 3.41 35.12
N LEU A 119 10.70 2.87 36.36
CA LEU A 119 10.12 3.58 37.55
C LEU A 119 10.63 4.99 37.73
N HIS A 120 11.92 5.20 37.67
CA HIS A 120 12.62 6.47 37.76
C HIS A 120 12.09 7.34 36.65
N ASN A 121 12.01 6.88 35.39
CA ASN A 121 11.44 7.62 34.25
C ASN A 121 9.99 7.96 34.49
N ILE A 122 9.13 7.28 35.21
CA ILE A 122 7.78 7.65 35.58
C ILE A 122 7.81 8.93 36.45
N ASP A 123 8.79 9.04 37.35
CA ASP A 123 9.01 10.24 38.18
C ASP A 123 9.30 11.42 37.28
N LEU A 124 10.27 11.28 36.38
CA LEU A 124 10.60 12.37 35.41
C LEU A 124 9.38 12.82 34.64
N ALA A 125 8.65 11.85 34.08
CA ALA A 125 7.46 12.08 33.26
C ALA A 125 6.47 12.93 34.00
N ALA A 126 6.24 12.59 35.27
CA ALA A 126 5.37 13.28 36.21
C ALA A 126 5.93 14.68 36.40
N GLU A 127 7.20 14.89 36.67
CA GLU A 127 7.82 16.22 36.81
C GLU A 127 7.59 17.03 35.54
N MET A 128 7.76 16.48 34.36
CA MET A 128 7.55 17.14 33.08
C MET A 128 6.15 17.50 32.72
N GLY A 129 5.09 17.07 33.40
CA GLY A 129 3.71 17.37 33.06
C GLY A 129 3.12 16.43 32.02
N ALA A 130 3.76 15.35 31.60
CA ALA A 130 3.14 14.44 30.63
C ALA A 130 1.88 13.82 31.21
N GLU A 131 0.90 13.49 30.42
CA GLU A 131 -0.32 12.75 30.73
C GLU A 131 -0.16 11.24 30.36
N THR A 132 0.64 10.91 29.36
CA THR A 132 0.89 9.59 28.83
C THR A 132 2.35 9.16 28.94
N PHE A 133 2.46 7.90 29.35
CA PHE A 133 3.71 7.15 29.52
C PHE A 133 3.66 5.95 28.52
N VAL A 134 4.44 5.97 27.45
CA VAL A 134 4.44 4.95 26.43
C VAL A 134 5.53 3.96 26.71
N MET A 135 5.17 2.68 26.45
CA MET A 135 6.05 1.52 26.50
C MET A 135 6.10 0.87 25.10
N TRP A 136 7.24 0.85 24.48
CA TRP A 136 7.42 0.22 23.16
C TRP A 136 8.34 -0.96 23.47
N GLY A 137 7.90 -2.18 23.62
CA GLY A 137 8.84 -3.26 23.92
C GLY A 137 9.54 -3.83 22.70
N GLY A 138 10.39 -3.13 21.93
CA GLY A 138 11.15 -3.46 20.81
C GLY A 138 12.13 -4.58 20.97
N ARG A 139 12.66 -4.91 22.15
CA ARG A 139 13.60 -6.05 22.22
C ARG A 139 12.92 -7.24 22.81
N GLU A 140 11.63 -7.14 23.12
CA GLU A 140 10.87 -8.26 23.73
C GLU A 140 10.47 -9.25 22.64
N GLY A 141 11.05 -10.42 22.55
CA GLY A 141 10.67 -11.37 21.51
C GLY A 141 11.81 -12.35 21.26
N SER A 142 11.96 -12.90 20.08
CA SER A 142 13.00 -13.89 19.80
C SER A 142 13.21 -13.96 18.26
N GLU A 143 14.28 -14.62 17.81
CA GLU A 143 14.58 -14.82 16.41
C GLU A 143 14.24 -16.25 16.07
N TYR A 144 14.29 -17.11 17.11
CA TYR A 144 14.08 -18.55 17.16
C TYR A 144 13.00 -18.93 18.15
N ASP A 145 12.19 -19.94 17.74
CA ASP A 145 11.08 -20.43 18.55
C ASP A 145 11.56 -21.12 19.83
N GLY A 146 12.68 -21.78 20.03
CA GLY A 146 12.90 -22.32 21.37
C GLY A 146 13.58 -21.41 22.39
N SER A 147 13.84 -20.15 22.08
CA SER A 147 14.51 -19.19 22.92
C SER A 147 13.79 -18.70 24.18
N LYS A 148 12.49 -18.80 24.22
CA LYS A 148 11.64 -18.35 25.22
C LYS A 148 10.59 -19.38 25.64
N ASP A 149 10.20 -19.28 26.88
CA ASP A 149 9.08 -20.00 27.49
C ASP A 149 8.07 -18.81 27.35
N LEU A 150 7.15 -19.00 26.45
CA LEU A 150 6.17 -18.04 26.04
C LEU A 150 5.13 -17.63 27.00
N ALA A 151 4.75 -18.51 27.92
CA ALA A 151 3.75 -18.20 28.97
C ALA A 151 4.50 -17.35 30.00
N ALA A 152 5.76 -17.73 30.29
CA ALA A 152 6.62 -16.99 31.21
C ALA A 152 6.95 -15.64 30.63
N ALA A 153 7.17 -15.49 29.28
CA ALA A 153 7.43 -14.19 28.65
C ALA A 153 6.27 -13.25 28.98
N LEU A 154 5.00 -13.62 28.88
CA LEU A 154 3.84 -12.82 29.18
C LEU A 154 3.64 -12.58 30.64
N ASP A 155 4.00 -13.46 31.57
CA ASP A 155 3.88 -13.22 33.02
C ASP A 155 4.90 -12.10 33.36
N ARG A 156 6.13 -12.25 32.85
CA ARG A 156 7.19 -11.25 33.07
C ARG A 156 6.77 -9.89 32.52
N MET A 157 6.21 -9.83 31.31
CA MET A 157 5.67 -8.62 30.70
C MET A 157 4.65 -7.99 31.65
N ARG A 158 3.67 -8.79 32.08
CA ARG A 158 2.63 -8.38 33.01
C ARG A 158 3.14 -7.82 34.33
N GLU A 159 4.11 -8.51 34.90
CA GLU A 159 4.73 -8.13 36.17
C GLU A 159 5.38 -6.77 36.02
N GLY A 160 6.12 -6.50 34.91
CA GLY A 160 6.70 -5.15 34.79
C GLY A 160 5.62 -4.10 34.58
N VAL A 161 4.68 -4.26 33.68
CA VAL A 161 3.60 -3.28 33.40
C VAL A 161 2.74 -3.07 34.61
N ASP A 162 2.32 -4.06 35.37
CA ASP A 162 1.47 -3.89 36.59
C ASP A 162 2.26 -3.19 37.70
N THR A 163 3.56 -3.45 37.87
CA THR A 163 4.43 -2.78 38.84
C THR A 163 4.51 -1.29 38.52
N ALA A 164 4.65 -0.89 37.26
CA ALA A 164 4.72 0.48 36.80
C ALA A 164 3.44 1.24 37.10
N ALA A 165 2.30 0.68 36.83
CA ALA A 165 0.93 1.15 37.02
C ALA A 165 0.58 1.23 38.51
N GLY A 166 1.06 0.26 39.30
CA GLY A 166 0.86 0.20 40.74
C GLY A 166 1.49 1.48 41.31
N TYR A 167 2.78 1.63 40.97
CA TYR A 167 3.61 2.79 41.31
C TYR A 167 2.89 4.03 40.91
N ILE A 168 2.33 4.28 39.75
CA ILE A 168 1.60 5.49 39.37
C ILE A 168 0.46 5.79 40.33
N LYS A 169 -0.37 4.76 40.57
CA LYS A 169 -1.54 4.80 41.44
C LYS A 169 -1.05 5.22 42.81
N ASP A 170 -0.14 4.50 43.42
CA ASP A 170 0.49 4.80 44.69
C ASP A 170 0.99 6.23 44.88
N LYS A 171 1.69 6.80 43.93
CA LYS A 171 2.24 8.11 43.88
C LYS A 171 1.28 9.21 43.54
N GLY A 172 0.08 8.93 43.09
CA GLY A 172 -0.95 9.86 42.70
C GLY A 172 -0.79 10.71 41.46
N TYR A 173 0.07 10.23 40.57
CA TYR A 173 0.42 10.82 39.31
C TYR A 173 -0.74 10.68 38.35
N ASN A 174 -0.91 11.66 37.49
CA ASN A 174 -1.89 11.77 36.41
C ASN A 174 -1.23 11.27 35.10
N LEU A 175 -0.96 10.00 35.05
CA LEU A 175 -0.35 9.24 34.06
C LEU A 175 -1.14 7.95 33.82
N ARG A 176 -1.24 7.74 32.56
CA ARG A 176 -1.83 6.55 31.94
C ARG A 176 -0.71 5.95 31.07
N ILE A 177 -0.61 4.63 31.04
CA ILE A 177 0.36 3.87 30.22
C ILE A 177 -0.26 3.48 28.87
N ALA A 178 0.57 3.60 27.86
CA ALA A 178 0.08 3.28 26.50
C ALA A 178 1.08 2.27 25.92
N LEU A 179 0.57 1.10 25.57
CA LEU A 179 1.41 0.03 25.02
C LEU A 179 1.52 0.27 23.48
N GLU A 180 2.68 0.05 22.95
CA GLU A 180 2.83 0.21 21.49
C GLU A 180 3.36 -1.05 20.77
N PRO A 181 2.43 -1.60 19.96
CA PRO A 181 2.69 -2.82 19.21
C PRO A 181 3.59 -2.61 18.03
N LYS A 182 4.25 -3.70 17.71
CA LYS A 182 5.18 -3.76 16.57
C LYS A 182 5.35 -5.29 16.40
N PRO A 183 5.18 -5.77 15.17
CA PRO A 183 5.26 -7.20 14.87
C PRO A 183 6.62 -7.84 14.80
N ASN A 184 7.59 -7.10 14.35
CA ASN A 184 8.99 -7.47 14.11
C ASN A 184 9.81 -6.16 13.99
N GLU A 185 11.10 -6.36 14.09
CA GLU A 185 12.20 -5.42 13.99
C GLU A 185 12.34 -4.48 15.15
N PRO A 186 13.44 -4.56 15.95
CA PRO A 186 14.59 -5.41 15.76
C PRO A 186 14.52 -6.88 15.99
N ARG A 187 13.57 -7.39 16.71
CA ARG A 187 13.57 -8.87 16.89
C ARG A 187 12.86 -9.43 15.68
N GLY A 188 13.07 -10.71 15.47
CA GLY A 188 12.44 -11.49 14.40
C GLY A 188 10.94 -11.54 14.65
N ASP A 189 10.48 -11.69 15.88
CA ASP A 189 9.10 -11.74 16.28
C ASP A 189 9.05 -10.99 17.63
N ILE A 190 8.17 -10.02 17.69
CA ILE A 190 7.99 -9.21 18.88
C ILE A 190 6.70 -9.62 19.62
N PHE A 191 6.81 -9.67 20.96
CA PHE A 191 5.62 -10.03 21.75
C PHE A 191 4.62 -8.93 21.58
N LEU A 192 3.36 -9.27 21.61
CA LEU A 192 2.18 -8.40 21.45
C LEU A 192 2.37 -7.61 20.16
N PRO A 193 2.37 -8.29 19.03
CA PRO A 193 2.66 -7.70 17.72
C PRO A 193 1.67 -6.78 17.07
N THR A 194 0.41 -6.75 17.36
CA THR A 194 -0.58 -5.88 16.68
C THR A 194 -1.46 -5.22 17.73
N VAL A 195 -2.36 -4.32 17.41
CA VAL A 195 -3.33 -3.67 18.30
C VAL A 195 -4.11 -4.78 18.99
N GLY A 196 -4.58 -5.78 18.25
CA GLY A 196 -5.31 -6.87 18.79
C GLY A 196 -4.58 -7.47 19.94
N HIS A 197 -3.37 -7.92 19.93
CA HIS A 197 -2.57 -8.54 21.00
C HIS A 197 -2.35 -7.59 22.15
N GLY A 198 -2.13 -6.29 21.87
CA GLY A 198 -1.98 -5.29 22.90
C GLY A 198 -3.30 -5.22 23.68
N LEU A 199 -4.46 -5.08 22.99
CA LEU A 199 -5.77 -5.02 23.73
C LEU A 199 -6.03 -6.28 24.54
N ALA A 200 -5.75 -7.46 23.96
CA ALA A 200 -5.96 -8.70 24.68
C ALA A 200 -5.17 -8.75 25.98
N PHE A 201 -3.87 -8.44 25.90
CA PHE A 201 -2.97 -8.45 27.08
C PHE A 201 -3.45 -7.56 28.20
N ILE A 202 -3.92 -6.34 27.99
CA ILE A 202 -4.41 -5.37 28.93
C ILE A 202 -5.47 -5.95 29.83
N GLU A 203 -6.37 -6.78 29.32
CA GLU A 203 -7.43 -7.47 30.01
C GLU A 203 -6.99 -8.48 31.02
N GLN A 204 -5.76 -8.91 31.07
CA GLN A 204 -5.17 -9.85 32.02
C GLN A 204 -4.37 -9.17 33.12
N LEU A 205 -4.35 -7.88 33.10
CA LEU A 205 -3.60 -7.04 34.01
C LEU A 205 -4.45 -6.72 35.24
N GLU A 206 -3.70 -6.74 36.38
CA GLU A 206 -4.35 -6.34 37.64
C GLU A 206 -4.75 -4.87 37.47
N HIS A 207 -3.89 -3.99 36.96
CA HIS A 207 -4.23 -2.57 36.79
C HIS A 207 -4.44 -2.12 35.39
N GLY A 208 -5.24 -2.79 34.56
CA GLY A 208 -5.53 -2.50 33.19
C GLY A 208 -6.39 -1.31 32.93
N ASP A 209 -6.97 -0.69 33.94
CA ASP A 209 -7.80 0.50 33.84
C ASP A 209 -7.03 1.75 33.42
N ILE A 210 -5.75 1.80 33.76
CA ILE A 210 -4.93 2.95 33.37
C ILE A 210 -3.98 2.51 32.28
N VAL A 211 -4.14 1.34 31.64
CA VAL A 211 -3.27 0.80 30.62
C VAL A 211 -4.12 0.71 29.35
N GLY A 212 -3.60 1.32 28.28
CA GLY A 212 -4.23 1.47 26.96
C GLY A 212 -3.22 1.31 25.82
N LEU A 213 -3.62 1.75 24.64
CA LEU A 213 -2.73 1.61 23.46
C LEU A 213 -2.14 2.86 22.86
N ASN A 214 -1.05 2.70 22.06
CA ASN A 214 -0.35 3.72 21.29
C ASN A 214 0.00 3.06 19.95
N PRO A 215 -1.01 2.96 19.11
CA PRO A 215 -0.81 2.28 17.77
C PRO A 215 -0.02 3.18 16.83
N GLU A 216 0.79 2.58 16.02
CA GLU A 216 1.58 3.36 15.07
C GLU A 216 1.19 2.90 13.68
N THR A 217 0.91 3.81 12.75
CA THR A 217 0.49 3.52 11.41
C THR A 217 1.30 2.50 10.71
N GLY A 218 2.60 2.69 10.57
CA GLY A 218 3.56 1.81 9.82
C GLY A 218 3.66 0.46 10.51
N HIS A 219 3.54 0.40 11.82
CA HIS A 219 3.62 -0.86 12.56
C HIS A 219 2.51 -1.79 12.17
N GLU A 220 1.25 -1.39 12.08
CA GLU A 220 0.12 -2.23 11.71
C GLU A 220 0.25 -2.61 10.25
N GLN A 221 0.74 -1.71 9.39
CA GLN A 221 0.98 -2.01 8.01
C GLN A 221 2.14 -2.93 7.81
N MET A 222 3.06 -3.24 8.67
CA MET A 222 4.14 -4.20 8.58
C MET A 222 3.65 -5.65 8.67
N ALA A 223 2.46 -5.99 9.04
CA ALA A 223 1.69 -7.16 9.14
C ALA A 223 0.54 -7.19 8.12
N GLY A 224 0.47 -6.19 7.27
CA GLY A 224 -0.50 -5.88 6.26
C GLY A 224 -1.90 -5.61 6.82
N LEU A 225 -2.16 -5.16 8.04
CA LEU A 225 -3.47 -4.91 8.56
C LEU A 225 -3.84 -3.48 8.14
N ASN A 226 -5.14 -3.22 8.33
CA ASN A 226 -5.75 -1.93 8.00
C ASN A 226 -5.66 -1.11 9.23
N PHE A 227 -4.94 -0.02 9.27
CA PHE A 227 -4.73 0.82 10.45
C PHE A 227 -6.03 1.40 10.98
N THR A 228 -6.83 1.92 10.06
CA THR A 228 -8.15 2.48 10.37
C THR A 228 -8.97 1.40 11.07
N HIS A 229 -9.05 0.12 10.68
CA HIS A 229 -9.80 -0.90 11.40
C HIS A 229 -9.27 -1.18 12.80
N GLY A 230 -7.99 -1.24 12.94
CA GLY A 230 -7.21 -1.49 14.16
C GLY A 230 -7.42 -0.29 15.08
N ILE A 231 -7.25 0.96 14.70
CA ILE A 231 -7.56 2.00 15.72
C ILE A 231 -9.03 2.03 15.99
N ALA A 232 -10.02 1.65 15.19
CA ALA A 232 -11.45 1.60 15.41
C ALA A 232 -11.77 0.61 16.50
N GLN A 233 -11.07 -0.49 16.62
CA GLN A 233 -11.29 -1.50 17.69
C GLN A 233 -10.79 -0.92 19.01
N ALA A 234 -9.63 -0.19 18.89
CA ALA A 234 -9.02 0.43 20.07
C ALA A 234 -10.00 1.43 20.65
N LEU A 235 -10.57 2.29 19.81
CA LEU A 235 -11.58 3.29 20.22
C LEU A 235 -12.83 2.74 20.86
N TRP A 236 -13.35 1.71 20.19
CA TRP A 236 -14.59 0.95 20.55
C TRP A 236 -14.40 0.41 21.93
N ALA A 237 -13.24 -0.13 22.32
CA ALA A 237 -12.92 -0.61 23.66
C ALA A 237 -12.51 0.52 24.59
N GLU A 238 -12.45 1.75 24.21
CA GLU A 238 -12.05 2.97 24.91
C GLU A 238 -10.63 2.77 25.39
N LYS A 239 -9.71 2.44 24.45
CA LYS A 239 -8.33 2.15 24.89
C LYS A 239 -7.35 2.85 24.00
N LEU A 240 -7.89 3.83 23.26
CA LEU A 240 -7.03 4.60 22.32
C LEU A 240 -6.49 5.83 23.06
N PHE A 241 -5.41 5.62 23.81
CA PHE A 241 -4.79 6.66 24.64
C PHE A 241 -3.82 7.60 23.92
N HIS A 242 -3.18 7.23 22.88
CA HIS A 242 -2.19 8.03 22.14
C HIS A 242 -2.18 7.36 20.78
N ILE A 243 -1.55 7.96 19.79
CA ILE A 243 -1.45 7.48 18.41
C ILE A 243 -0.16 8.00 17.81
N ASP A 244 0.51 7.21 17.01
CA ASP A 244 1.77 7.59 16.35
C ASP A 244 1.45 7.60 14.83
N LEU A 245 1.52 8.74 14.23
CA LEU A 245 1.28 8.83 12.79
C LEU A 245 2.59 8.94 12.01
N ASN A 246 2.68 8.22 10.92
CA ASN A 246 3.80 8.13 9.97
C ASN A 246 3.28 7.42 8.68
N GLY A 247 4.22 7.06 7.85
CA GLY A 247 3.88 6.37 6.62
C GLY A 247 4.83 5.21 6.41
N GLN A 248 4.28 4.21 5.79
CA GLN A 248 4.86 2.92 5.40
C GLN A 248 4.32 2.57 4.02
N ARG A 249 5.30 2.11 3.24
CA ARG A 249 5.00 1.68 1.86
C ARG A 249 5.19 0.16 1.75
N GLY A 250 4.33 -0.64 2.36
CA GLY A 250 4.26 -2.06 2.33
C GLY A 250 4.87 -2.83 3.42
N ILE A 251 4.87 -4.15 3.27
CA ILE A 251 5.47 -5.08 4.22
C ILE A 251 6.98 -5.18 4.05
N LYS A 252 7.70 -4.50 4.92
CA LYS A 252 9.20 -4.47 4.86
C LYS A 252 9.64 -3.77 6.11
N TYR A 253 10.88 -3.34 6.23
CA TYR A 253 11.50 -2.66 7.35
C TYR A 253 10.60 -1.45 7.66
N ASP A 254 10.65 -1.03 8.85
CA ASP A 254 9.90 0.13 9.48
C ASP A 254 10.51 1.38 8.86
N GLN A 255 9.78 1.95 7.91
CA GLN A 255 10.24 3.09 7.13
C GLN A 255 10.15 4.41 7.83
N ASP A 256 9.07 4.59 8.57
CA ASP A 256 8.86 5.82 9.35
C ASP A 256 8.90 7.05 8.48
N LEU A 257 8.13 7.02 7.42
CA LEU A 257 8.04 8.09 6.43
C LEU A 257 7.07 9.09 7.02
N VAL A 258 7.01 10.23 6.39
CA VAL A 258 6.05 11.29 6.84
C VAL A 258 4.60 10.80 6.73
N PHE A 259 3.77 11.26 7.67
CA PHE A 259 2.34 10.88 7.60
C PHE A 259 1.84 11.31 6.24
N GLY A 260 1.22 10.39 5.55
CA GLY A 260 0.63 10.63 4.22
C GLY A 260 1.54 10.26 3.05
N HIS A 261 2.83 9.99 3.30
CA HIS A 261 3.84 9.62 2.35
C HIS A 261 3.89 8.11 2.12
N GLY A 262 3.03 7.30 2.68
CA GLY A 262 2.86 5.88 2.57
C GLY A 262 1.56 5.58 1.85
N ASP A 263 0.69 4.87 2.56
CA ASP A 263 -0.64 4.55 1.97
C ASP A 263 -1.57 5.74 2.15
N LEU A 264 -1.80 6.48 1.09
CA LEU A 264 -2.58 7.72 1.05
C LEU A 264 -4.03 7.58 1.33
N THR A 265 -4.72 6.70 0.64
CA THR A 265 -6.18 6.50 0.95
C THR A 265 -6.37 6.05 2.37
N SER A 266 -5.53 5.16 2.91
CA SER A 266 -5.61 4.72 4.31
C SER A 266 -5.40 5.93 5.23
N ALA A 267 -4.48 6.84 4.97
CA ALA A 267 -4.21 8.10 5.69
C ALA A 267 -5.44 8.98 5.76
N PHE A 268 -6.15 9.20 4.65
CA PHE A 268 -7.40 9.93 4.52
C PHE A 268 -8.46 9.32 5.42
N PHE A 269 -8.60 7.96 5.39
CA PHE A 269 -9.62 7.35 6.26
C PHE A 269 -9.26 7.38 7.71
N THR A 270 -8.04 7.43 8.16
CA THR A 270 -7.59 7.53 9.58
C THR A 270 -7.98 8.92 10.08
N VAL A 271 -7.65 9.93 9.21
CA VAL A 271 -7.97 11.34 9.49
C VAL A 271 -9.50 11.48 9.60
N ASP A 272 -10.30 10.93 8.67
CA ASP A 272 -11.77 10.93 8.77
C ASP A 272 -12.26 10.35 10.10
N LEU A 273 -11.69 9.31 10.63
CA LEU A 273 -11.98 8.68 11.89
C LEU A 273 -11.55 9.56 13.07
N LEU A 274 -10.41 10.23 12.97
CA LEU A 274 -9.89 11.07 14.06
C LEU A 274 -10.74 12.36 14.12
N GLU A 275 -11.01 12.91 13.00
CA GLU A 275 -11.80 14.11 12.82
C GLU A 275 -13.29 13.88 12.87
N ASN A 276 -13.90 13.12 12.03
CA ASN A 276 -15.36 12.93 12.09
C ASN A 276 -15.81 11.85 13.05
N GLY A 277 -15.04 11.02 13.70
CA GLY A 277 -15.61 9.99 14.56
C GLY A 277 -16.37 8.99 13.67
N PHE A 278 -17.23 8.19 14.31
CA PHE A 278 -18.03 7.15 13.62
C PHE A 278 -19.30 7.76 13.08
N PRO A 279 -19.66 7.33 11.85
CA PRO A 279 -20.86 7.72 11.13
C PRO A 279 -22.12 7.66 11.98
N ASN A 280 -22.35 6.70 12.84
CA ASN A 280 -23.45 6.53 13.73
C ASN A 280 -23.10 7.04 15.10
N GLY A 281 -21.98 7.72 15.32
CA GLY A 281 -21.75 8.21 16.73
C GLY A 281 -20.96 7.19 17.51
N GLY A 282 -20.42 7.57 18.64
CA GLY A 282 -19.53 6.62 19.41
C GLY A 282 -18.41 7.51 19.96
N PRO A 283 -17.47 6.88 20.65
CA PRO A 283 -16.37 7.64 21.28
C PRO A 283 -15.56 8.34 20.25
N LYS A 284 -14.78 9.33 20.61
CA LYS A 284 -13.96 10.14 19.67
C LYS A 284 -12.57 10.22 20.30
N TYR A 285 -11.57 10.29 19.44
CA TYR A 285 -10.17 10.36 19.95
C TYR A 285 -9.83 11.82 20.29
N THR A 286 -9.40 12.06 21.53
CA THR A 286 -9.05 13.50 21.77
C THR A 286 -7.61 13.81 22.06
N GLY A 287 -6.67 12.95 22.18
CA GLY A 287 -5.29 13.22 22.42
C GLY A 287 -4.52 13.95 21.30
N PRO A 288 -3.21 13.95 21.59
CA PRO A 288 -2.24 14.56 20.69
C PRO A 288 -2.14 13.72 19.39
N ARG A 289 -1.89 14.43 18.33
CA ARG A 289 -1.66 13.92 16.99
C ARG A 289 -0.11 13.91 16.89
N HIS A 290 0.52 12.79 17.23
CA HIS A 290 1.96 12.70 17.35
C HIS A 290 2.57 12.08 16.16
N PHE A 291 3.69 12.60 15.69
CA PHE A 291 4.35 12.01 14.51
C PHE A 291 5.67 11.38 14.96
N ASP A 292 5.82 10.08 14.65
CA ASP A 292 7.03 9.29 14.98
C ASP A 292 7.53 8.85 13.60
N TYR A 293 8.31 9.73 13.01
CA TYR A 293 8.83 9.49 11.65
C TYR A 293 10.30 9.83 11.70
N LYS A 294 10.96 9.61 10.62
CA LYS A 294 12.37 9.85 10.38
C LYS A 294 12.55 10.56 9.03
N PRO A 295 13.22 11.72 9.09
CA PRO A 295 13.50 12.50 7.84
C PRO A 295 14.46 11.63 7.03
N SER A 296 14.19 11.29 5.78
CA SER A 296 15.05 10.39 5.01
C SER A 296 16.48 10.80 5.19
N ARG A 297 17.45 9.93 5.34
CA ARG A 297 18.89 10.24 5.47
C ARG A 297 19.58 10.93 4.33
N THR A 298 19.00 11.02 3.15
CA THR A 298 19.41 11.68 1.94
C THR A 298 19.35 13.22 2.02
N ASP A 299 18.53 13.75 2.92
CA ASP A 299 18.22 15.10 3.22
C ASP A 299 19.08 15.66 4.37
N GLY A 300 19.43 16.92 4.09
CA GLY A 300 20.21 17.68 5.10
C GLY A 300 19.20 18.37 6.03
N TYR A 301 19.64 19.29 6.92
CA TYR A 301 18.76 19.99 7.85
C TYR A 301 17.63 20.83 7.33
N ASP A 302 17.75 21.38 6.11
CA ASP A 302 16.64 22.11 5.49
C ASP A 302 15.50 21.09 5.25
N GLY A 303 15.82 19.85 4.84
CA GLY A 303 14.92 18.74 4.72
C GLY A 303 14.25 18.29 6.04
N VAL A 304 14.91 18.32 7.18
CA VAL A 304 14.41 17.95 8.50
C VAL A 304 13.21 18.80 8.86
N TRP A 305 13.34 20.13 8.70
CA TRP A 305 12.26 21.09 9.08
C TRP A 305 11.15 21.09 8.07
N ASP A 306 11.46 20.80 6.84
CA ASP A 306 10.59 20.62 5.70
C ASP A 306 9.72 19.37 5.97
N SER A 307 10.37 18.27 6.36
CA SER A 307 9.69 17.01 6.69
C SER A 307 8.76 17.16 7.88
N ALA A 308 9.18 17.85 8.94
CA ALA A 308 8.38 18.15 10.13
C ALA A 308 7.09 18.87 9.74
N LYS A 309 7.30 19.87 8.90
CA LYS A 309 6.24 20.73 8.32
C LYS A 309 5.30 19.95 7.42
N ALA A 310 5.84 19.05 6.59
CA ALA A 310 5.11 18.17 5.67
C ALA A 310 4.15 17.32 6.51
N ASN A 311 4.53 16.77 7.66
CA ASN A 311 3.60 16.03 8.51
C ASN A 311 2.33 16.82 8.87
N MET A 312 2.43 18.03 9.42
CA MET A 312 1.33 18.89 9.78
C MET A 312 0.59 19.32 8.54
N SER A 313 1.22 19.63 7.43
CA SER A 313 0.56 20.01 6.18
C SER A 313 -0.35 18.91 5.63
N MET A 314 0.20 17.71 5.56
CA MET A 314 -0.43 16.51 5.10
C MET A 314 -1.70 16.28 5.92
N TYR A 315 -1.55 16.27 7.24
CA TYR A 315 -2.68 16.10 8.15
C TYR A 315 -3.79 17.14 7.91
N LEU A 316 -3.44 18.42 7.83
CA LEU A 316 -4.44 19.50 7.61
C LEU A 316 -5.13 19.41 6.28
N LEU A 317 -4.39 19.10 5.20
CA LEU A 317 -4.96 18.93 3.86
C LEU A 317 -5.94 17.75 3.81
N LEU A 318 -5.64 16.66 4.52
CA LEU A 318 -6.44 15.46 4.61
C LEU A 318 -7.68 15.83 5.40
N LYS A 319 -7.50 16.56 6.48
CA LYS A 319 -8.61 17.01 7.32
C LYS A 319 -9.67 17.82 6.60
N GLU A 320 -9.27 18.76 5.78
CA GLU A 320 -10.03 19.67 4.93
C GLU A 320 -10.85 18.83 3.98
N ARG A 321 -10.24 17.87 3.31
CA ARG A 321 -10.89 16.92 2.41
C ARG A 321 -11.89 16.01 3.07
N ALA A 322 -11.60 15.43 4.22
CA ALA A 322 -12.38 14.55 5.04
C ALA A 322 -13.67 15.14 5.65
N LEU A 323 -13.65 16.44 5.89
CA LEU A 323 -14.68 17.32 6.38
C LEU A 323 -15.56 17.70 5.17
N ALA A 324 -14.97 17.96 4.02
CA ALA A 324 -15.74 18.26 2.80
C ALA A 324 -16.47 17.01 2.30
N PHE A 325 -15.91 15.85 2.48
CA PHE A 325 -16.40 14.53 2.16
C PHE A 325 -17.69 14.25 2.92
N ARG A 326 -17.66 14.34 4.24
CA ARG A 326 -18.86 14.09 5.04
C ARG A 326 -19.93 15.14 4.95
N ALA A 327 -19.60 16.38 4.69
CA ALA A 327 -20.49 17.52 4.54
C ALA A 327 -21.27 17.45 3.24
N ASP A 328 -20.81 16.78 2.22
CA ASP A 328 -21.42 16.60 0.93
C ASP A 328 -22.68 15.70 0.96
N PRO A 329 -23.78 16.32 0.49
CA PRO A 329 -25.10 15.69 0.39
C PRO A 329 -25.18 14.38 -0.39
N GLU A 330 -24.45 14.29 -1.48
CA GLU A 330 -24.21 13.23 -2.40
C GLU A 330 -23.55 12.04 -1.65
N VAL A 331 -22.51 12.40 -0.85
CA VAL A 331 -21.80 11.43 -0.02
C VAL A 331 -22.78 10.92 1.02
N GLN A 332 -23.57 11.70 1.67
CA GLN A 332 -24.53 11.28 2.69
C GLN A 332 -25.60 10.34 2.14
N GLU A 333 -26.11 10.62 0.95
CA GLU A 333 -27.10 9.85 0.20
C GLU A 333 -26.57 8.46 -0.10
N ALA A 334 -25.35 8.37 -0.67
CA ALA A 334 -24.60 7.17 -0.98
C ALA A 334 -24.35 6.35 0.27
N MET A 335 -24.09 6.93 1.44
CA MET A 335 -23.88 6.27 2.71
C MET A 335 -25.20 5.62 3.19
N LYS A 336 -26.33 6.26 2.91
CA LYS A 336 -27.66 5.79 3.27
C LYS A 336 -28.01 4.56 2.43
N THR A 337 -27.83 4.60 1.12
CA THR A 337 -28.02 3.56 0.15
C THR A 337 -27.18 2.31 0.40
N SER A 338 -25.90 2.48 0.80
CA SER A 338 -25.01 1.38 1.10
C SER A 338 -25.35 0.81 2.47
N GLY A 339 -26.19 1.37 3.30
CA GLY A 339 -26.49 0.78 4.59
C GLY A 339 -25.56 1.13 5.71
N VAL A 340 -24.73 2.20 5.48
CA VAL A 340 -23.81 2.68 6.54
C VAL A 340 -24.65 3.06 7.76
N PHE A 341 -25.73 3.79 7.58
CA PHE A 341 -26.62 4.07 8.78
C PHE A 341 -27.37 2.85 9.20
N GLU A 342 -27.89 1.94 8.36
CA GLU A 342 -28.59 0.70 8.82
C GLU A 342 -27.77 -0.23 9.69
N LEU A 343 -26.43 -0.21 9.55
CA LEU A 343 -25.58 -1.00 10.41
C LEU A 343 -25.75 -0.65 11.86
N GLY A 344 -25.99 0.58 12.23
CA GLY A 344 -26.23 1.08 13.57
C GLY A 344 -27.51 0.65 14.24
N GLU A 345 -28.50 0.12 13.56
CA GLU A 345 -29.75 -0.37 14.11
C GLU A 345 -29.49 -1.73 14.70
N THR A 346 -29.76 -1.95 15.96
CA THR A 346 -29.62 -3.26 16.57
C THR A 346 -30.39 -4.27 15.70
N THR A 347 -29.90 -5.50 15.73
CA THR A 347 -30.45 -6.59 14.89
C THR A 347 -31.77 -7.06 15.47
N LEU A 348 -31.79 -7.18 16.78
CA LEU A 348 -33.05 -7.59 17.39
C LEU A 348 -33.89 -6.32 17.66
N ASN A 349 -35.14 -6.57 17.97
CA ASN A 349 -36.16 -5.61 18.40
C ASN A 349 -36.07 -5.60 19.92
N ALA A 350 -36.45 -4.48 20.49
CA ALA A 350 -36.40 -4.24 21.96
C ALA A 350 -37.06 -5.40 22.65
N GLY A 351 -36.37 -5.92 23.61
CA GLY A 351 -36.84 -7.11 24.35
C GLY A 351 -37.31 -8.21 23.39
N GLU A 352 -36.56 -8.66 22.41
CA GLU A 352 -36.88 -9.74 21.48
C GLU A 352 -35.84 -10.76 21.96
N SER A 353 -36.16 -11.98 22.26
CA SER A 353 -35.03 -12.84 22.71
C SER A 353 -34.64 -13.76 21.53
N ALA A 354 -33.68 -14.62 21.82
CA ALA A 354 -33.15 -15.64 20.91
C ALA A 354 -34.36 -16.45 20.42
N ALA A 355 -35.01 -17.11 21.38
CA ALA A 355 -36.22 -17.89 21.11
C ALA A 355 -37.23 -17.23 20.21
N ASP A 356 -37.66 -16.01 20.53
CA ASP A 356 -38.56 -15.18 19.74
C ASP A 356 -38.04 -14.99 18.31
N LEU A 357 -36.74 -14.81 18.04
CA LEU A 357 -36.13 -14.63 16.76
C LEU A 357 -36.20 -15.91 15.94
N MET A 358 -35.86 -17.05 16.49
CA MET A 358 -35.85 -18.35 15.80
C MET A 358 -37.21 -18.78 15.20
N ASN A 359 -38.20 -18.47 16.00
CA ASN A 359 -39.63 -18.58 15.91
C ASN A 359 -40.21 -17.50 15.00
N ASP A 360 -39.67 -16.30 14.86
CA ASP A 360 -40.25 -15.33 13.88
C ASP A 360 -40.01 -15.93 12.49
N SER A 361 -41.03 -16.33 11.79
CA SER A 361 -41.06 -16.93 10.46
C SER A 361 -40.53 -16.16 9.27
N ALA A 362 -40.74 -14.86 9.42
CA ALA A 362 -40.35 -13.85 8.42
C ALA A 362 -38.84 -13.68 8.34
N SER A 363 -38.19 -13.84 9.46
CA SER A 363 -36.79 -13.77 9.74
C SER A 363 -35.99 -15.00 9.30
N PHE A 364 -36.63 -16.17 9.27
CA PHE A 364 -35.92 -17.40 8.90
C PHE A 364 -36.58 -18.28 7.88
N ALA A 365 -37.54 -19.06 8.39
CA ALA A 365 -38.35 -20.03 7.67
C ALA A 365 -38.94 -19.50 6.37
N GLY A 366 -39.48 -18.28 6.35
CA GLY A 366 -40.06 -17.73 5.14
C GLY A 366 -39.26 -16.54 4.73
N PHE A 367 -37.99 -16.49 5.08
CA PHE A 367 -37.17 -15.32 4.63
C PHE A 367 -36.85 -15.58 3.17
N ASP A 368 -36.96 -14.61 2.32
CA ASP A 368 -36.61 -14.78 0.92
C ASP A 368 -35.14 -14.34 0.65
N ALA A 369 -34.25 -15.31 0.90
CA ALA A 369 -32.79 -15.22 0.72
C ALA A 369 -32.39 -14.73 -0.66
N GLU A 370 -32.91 -15.32 -1.72
CA GLU A 370 -32.60 -14.93 -3.08
C GLU A 370 -33.09 -13.52 -3.33
N ALA A 371 -34.25 -13.07 -2.82
CA ALA A 371 -34.66 -11.70 -3.05
C ALA A 371 -33.73 -10.73 -2.38
N ALA A 372 -33.35 -11.02 -1.11
CA ALA A 372 -32.48 -10.17 -0.28
C ALA A 372 -31.12 -9.94 -0.83
N ALA A 373 -30.62 -10.95 -1.55
CA ALA A 373 -29.35 -11.01 -2.20
C ALA A 373 -29.25 -10.12 -3.39
N GLU A 374 -30.32 -9.57 -3.89
CA GLU A 374 -30.37 -8.67 -5.03
C GLU A 374 -29.93 -7.25 -4.71
N ARG A 375 -29.98 -6.81 -3.45
CA ARG A 375 -29.52 -5.49 -3.07
C ARG A 375 -28.15 -5.16 -3.68
N ASN A 376 -28.05 -4.06 -4.33
CA ASN A 376 -26.89 -3.44 -4.90
C ASN A 376 -26.37 -2.59 -3.69
N PHE A 377 -25.27 -3.01 -3.07
CA PHE A 377 -24.72 -2.22 -1.95
C PHE A 377 -24.07 -1.00 -2.53
N ALA A 378 -23.57 -0.90 -3.75
CA ALA A 378 -22.96 0.23 -4.38
C ALA A 378 -21.84 0.80 -3.54
N PHE A 379 -20.92 -0.02 -3.14
CA PHE A 379 -19.75 0.28 -2.28
C PHE A 379 -18.70 0.87 -3.20
N ILE A 380 -18.63 0.44 -4.46
CA ILE A 380 -17.66 0.97 -5.40
C ILE A 380 -17.91 2.45 -5.60
N ARG A 381 -19.18 2.81 -5.87
CA ARG A 381 -19.57 4.20 -6.04
C ARG A 381 -19.31 4.99 -4.74
N LEU A 382 -19.57 4.59 -3.52
CA LEU A 382 -19.22 5.31 -2.29
C LEU A 382 -17.69 5.44 -2.25
N ASN A 383 -16.87 4.46 -2.57
CA ASN A 383 -15.42 4.54 -2.59
C ASN A 383 -14.95 5.59 -3.57
N GLN A 384 -15.54 5.60 -4.76
CA GLN A 384 -15.19 6.56 -5.85
C GLN A 384 -15.45 8.00 -5.36
N LEU A 385 -16.58 8.22 -4.72
CA LEU A 385 -16.92 9.49 -4.11
C LEU A 385 -15.79 9.85 -3.13
N ALA A 386 -15.38 8.99 -2.21
CA ALA A 386 -14.31 9.26 -1.27
C ALA A 386 -13.05 9.71 -2.02
N ILE A 387 -12.55 8.92 -2.97
CA ILE A 387 -11.33 9.26 -3.71
C ILE A 387 -11.43 10.60 -4.42
N GLU A 388 -12.54 10.92 -5.05
CA GLU A 388 -12.87 12.18 -5.71
C GLU A 388 -12.81 13.31 -4.72
N HIS A 389 -13.25 13.23 -3.52
CA HIS A 389 -13.10 14.21 -2.49
C HIS A 389 -11.62 14.30 -2.12
N LEU A 390 -10.93 13.18 -1.94
CA LEU A 390 -9.51 13.12 -1.63
C LEU A 390 -8.60 13.85 -2.61
N LEU A 391 -8.81 13.81 -3.88
CA LEU A 391 -8.16 14.36 -4.99
C LEU A 391 -8.57 15.80 -5.24
N GLY A 392 -9.52 16.31 -4.56
CA GLY A 392 -10.10 17.61 -4.56
C GLY A 392 -10.64 17.96 -5.92
N SER A 393 -11.41 17.03 -6.48
CA SER A 393 -11.99 17.21 -7.82
C SER A 393 -13.48 17.49 -7.60
N ARG A 394 -13.91 17.43 -6.36
CA ARG A 394 -15.23 17.71 -5.87
C ARG A 394 -15.16 18.86 -4.85
N VAL B 2 -13.09 14.89 -16.56
CA VAL B 2 -13.44 13.58 -17.04
C VAL B 2 -13.93 13.64 -18.49
N GLN B 3 -14.75 12.71 -18.87
CA GLN B 3 -15.28 12.47 -20.18
C GLN B 3 -14.22 11.89 -21.14
N PRO B 4 -14.25 10.53 -21.03
CA PRO B 4 -13.36 9.72 -21.84
C PRO B 4 -13.88 9.71 -23.27
N THR B 5 -12.98 9.67 -24.18
CA THR B 5 -13.34 9.59 -25.59
C THR B 5 -12.43 8.51 -26.16
N PRO B 6 -12.83 7.81 -27.23
CA PRO B 6 -12.04 6.85 -28.00
C PRO B 6 -10.62 7.20 -28.24
N ALA B 7 -10.09 8.43 -28.36
CA ALA B 7 -8.68 8.70 -28.51
C ALA B 7 -7.87 8.42 -27.25
N ASP B 8 -8.42 8.21 -26.09
CA ASP B 8 -7.86 7.86 -24.83
C ASP B 8 -7.33 6.43 -24.79
N HIS B 9 -7.87 5.58 -25.61
CA HIS B 9 -7.54 4.20 -25.80
C HIS B 9 -7.81 3.25 -24.62
N PHE B 10 -8.89 3.51 -23.93
CA PHE B 10 -9.45 2.76 -22.81
C PHE B 10 -10.12 1.55 -23.47
N THR B 11 -9.56 0.38 -23.17
CA THR B 11 -9.95 -0.96 -23.61
C THR B 11 -10.29 -1.73 -22.34
N PHE B 12 -11.27 -2.60 -22.30
CA PHE B 12 -11.80 -3.36 -21.16
C PHE B 12 -11.94 -4.85 -21.53
N GLY B 13 -11.73 -5.77 -20.62
CA GLY B 13 -11.87 -7.17 -21.00
C GLY B 13 -13.32 -7.55 -20.74
N LEU B 14 -13.81 -8.50 -21.56
CA LEU B 14 -15.16 -9.08 -21.45
C LEU B 14 -15.43 -9.73 -20.11
N TRP B 15 -14.39 -10.39 -19.57
CA TRP B 15 -14.36 -11.03 -18.23
C TRP B 15 -14.35 -10.06 -17.03
N THR B 16 -14.10 -8.81 -17.30
CA THR B 16 -14.07 -7.83 -16.19
C THR B 16 -15.50 -7.48 -15.81
N VAL B 17 -16.23 -6.84 -16.75
CA VAL B 17 -17.65 -6.46 -16.44
C VAL B 17 -18.57 -7.66 -16.36
N GLY B 18 -18.18 -8.70 -17.19
CA GLY B 18 -18.89 -9.95 -17.20
C GLY B 18 -18.58 -10.74 -15.94
N TRP B 19 -17.64 -10.53 -15.05
CA TRP B 19 -17.35 -11.31 -13.86
C TRP B 19 -18.61 -11.29 -12.94
N THR B 20 -19.10 -12.47 -12.78
CA THR B 20 -20.39 -12.65 -11.97
C THR B 20 -20.26 -12.80 -10.50
N GLY B 21 -19.01 -12.88 -9.94
CA GLY B 21 -18.87 -12.94 -8.51
C GLY B 21 -18.52 -14.22 -7.82
N ALA B 22 -18.19 -15.27 -8.60
CA ALA B 22 -17.83 -16.50 -7.80
C ALA B 22 -16.38 -16.29 -7.39
N ASP B 23 -16.24 -16.43 -6.10
CA ASP B 23 -14.81 -16.28 -5.56
C ASP B 23 -14.60 -17.67 -5.01
N PRO B 24 -13.59 -17.83 -4.17
CA PRO B 24 -13.35 -19.19 -3.61
C PRO B 24 -14.31 -19.47 -2.48
N PHE B 25 -14.94 -18.49 -1.79
CA PHE B 25 -15.83 -18.77 -0.65
C PHE B 25 -17.30 -18.65 -0.99
N GLY B 26 -17.67 -18.44 -2.24
CA GLY B 26 -19.03 -18.26 -2.69
C GLY B 26 -19.38 -18.28 -4.16
N VAL B 27 -20.71 -18.34 -4.34
CA VAL B 27 -21.30 -18.40 -5.72
C VAL B 27 -21.44 -17.01 -6.31
N ALA B 28 -21.77 -17.01 -7.60
CA ALA B 28 -21.90 -15.74 -8.34
C ALA B 28 -23.08 -14.97 -7.77
N THR B 29 -22.88 -13.65 -7.80
CA THR B 29 -23.96 -12.80 -7.22
C THR B 29 -24.62 -12.01 -8.32
N ARG B 30 -24.18 -12.21 -9.56
CA ARG B 30 -24.72 -11.47 -10.69
C ARG B 30 -25.05 -12.50 -11.77
N LYS B 31 -26.04 -12.13 -12.54
CA LYS B 31 -26.54 -12.93 -13.67
C LYS B 31 -25.50 -12.74 -14.79
N ASN B 32 -25.32 -13.74 -15.59
CA ASN B 32 -24.36 -13.66 -16.70
C ASN B 32 -24.50 -12.44 -17.56
N LEU B 33 -23.46 -11.87 -18.15
CA LEU B 33 -23.68 -10.68 -18.99
C LEU B 33 -23.57 -10.98 -20.49
N ASP B 34 -24.57 -10.76 -21.29
CA ASP B 34 -24.42 -11.01 -22.74
C ASP B 34 -23.36 -10.14 -23.38
N PRO B 35 -22.51 -10.74 -24.25
CA PRO B 35 -21.42 -10.10 -24.97
C PRO B 35 -21.88 -8.98 -25.86
N VAL B 36 -22.93 -9.11 -26.62
CA VAL B 36 -23.47 -8.02 -27.48
C VAL B 36 -23.87 -6.83 -26.61
N GLU B 37 -24.51 -7.04 -25.49
CA GLU B 37 -24.92 -6.14 -24.45
C GLU B 37 -23.69 -5.48 -23.85
N ALA B 38 -22.58 -6.21 -23.64
CA ALA B 38 -21.30 -5.74 -23.10
C ALA B 38 -20.68 -4.76 -24.07
N VAL B 39 -20.71 -5.08 -25.37
CA VAL B 39 -20.17 -4.20 -26.39
C VAL B 39 -20.98 -2.89 -26.49
N HIS B 40 -22.29 -2.92 -26.39
CA HIS B 40 -23.07 -1.70 -26.54
C HIS B 40 -22.78 -0.79 -25.37
N LYS B 41 -22.89 -1.35 -24.15
CA LYS B 41 -22.61 -0.54 -22.95
C LYS B 41 -21.21 0.04 -23.00
N LEU B 42 -20.13 -0.73 -23.25
CA LEU B 42 -18.80 -0.20 -23.32
C LEU B 42 -18.65 0.95 -24.27
N ALA B 43 -19.13 0.81 -25.50
CA ALA B 43 -19.06 1.89 -26.54
C ALA B 43 -19.72 3.18 -26.07
N GLU B 44 -20.92 3.08 -25.47
CA GLU B 44 -21.63 4.20 -24.95
C GLU B 44 -20.86 4.84 -23.79
N LEU B 45 -20.12 4.11 -22.93
CA LEU B 45 -19.35 4.73 -21.86
C LEU B 45 -18.10 5.47 -22.34
N GLY B 46 -17.59 5.30 -23.53
CA GLY B 46 -16.39 5.97 -24.01
C GLY B 46 -15.21 5.06 -24.37
N ALA B 47 -15.36 3.75 -24.17
CA ALA B 47 -14.30 2.80 -24.47
C ALA B 47 -13.96 2.86 -25.96
N TYR B 48 -12.75 2.51 -26.19
CA TYR B 48 -12.17 2.45 -27.51
C TYR B 48 -12.20 1.01 -28.02
N GLY B 49 -12.03 0.00 -27.18
CA GLY B 49 -11.98 -1.37 -27.63
C GLY B 49 -12.36 -2.35 -26.57
N ILE B 50 -12.48 -3.61 -26.92
CA ILE B 50 -12.85 -4.69 -25.95
C ILE B 50 -11.87 -5.81 -26.28
N THR B 51 -11.55 -6.58 -25.26
CA THR B 51 -10.61 -7.72 -25.42
C THR B 51 -11.30 -8.92 -24.84
N PHE B 52 -10.92 -10.14 -25.11
CA PHE B 52 -11.57 -11.32 -24.49
C PHE B 52 -10.55 -12.47 -24.56
N HIS B 53 -10.94 -13.45 -23.82
CA HIS B 53 -10.31 -14.79 -23.72
C HIS B 53 -11.30 -15.62 -24.61
N ASP B 54 -10.74 -16.52 -25.41
CA ASP B 54 -11.52 -17.41 -26.31
C ASP B 54 -12.78 -17.91 -25.68
N ASN B 55 -12.75 -18.57 -24.53
CA ASN B 55 -13.91 -19.12 -23.82
C ASN B 55 -14.77 -18.09 -23.14
N ASP B 56 -14.49 -16.77 -23.19
CA ASP B 56 -15.24 -15.67 -22.72
C ASP B 56 -16.36 -15.53 -23.80
N LEU B 57 -16.00 -15.65 -25.06
CA LEU B 57 -17.03 -15.55 -26.10
C LEU B 57 -17.63 -16.89 -26.50
N ILE B 58 -16.78 -17.86 -26.76
CA ILE B 58 -17.17 -19.18 -27.26
C ILE B 58 -16.92 -20.25 -26.22
N PRO B 59 -18.01 -20.87 -25.83
CA PRO B 59 -17.92 -21.94 -24.80
C PRO B 59 -16.92 -22.96 -25.19
N PHE B 60 -16.31 -23.69 -24.28
CA PHE B 60 -15.31 -24.73 -24.64
C PHE B 60 -15.82 -25.88 -25.49
N ASP B 61 -17.04 -26.23 -25.35
CA ASP B 61 -17.96 -27.18 -25.86
C ASP B 61 -18.69 -26.70 -27.11
N ALA B 62 -18.92 -25.43 -27.37
CA ALA B 62 -19.56 -24.97 -28.61
C ALA B 62 -19.15 -25.77 -29.87
N THR B 63 -20.19 -25.96 -30.70
CA THR B 63 -19.95 -26.65 -31.99
C THR B 63 -19.51 -25.60 -33.00
N GLU B 64 -19.13 -26.05 -34.20
CA GLU B 64 -18.76 -25.12 -35.29
C GLU B 64 -19.95 -24.23 -35.61
N ALA B 65 -21.16 -24.72 -35.65
CA ALA B 65 -22.40 -24.02 -35.86
C ALA B 65 -22.59 -22.99 -34.74
N GLU B 66 -22.38 -23.37 -33.48
CA GLU B 66 -22.49 -22.40 -32.37
C GLU B 66 -21.42 -21.31 -32.50
N ARG B 67 -20.17 -21.71 -32.81
CA ARG B 67 -19.07 -20.76 -32.95
C ARG B 67 -19.39 -19.69 -33.98
N GLU B 68 -19.89 -20.11 -35.14
CA GLU B 68 -20.23 -19.10 -36.18
C GLU B 68 -21.40 -18.26 -35.87
N LYS B 69 -22.39 -18.74 -35.16
CA LYS B 69 -23.56 -17.94 -34.70
C LYS B 69 -22.98 -16.87 -33.75
N ILE B 70 -22.34 -17.26 -32.64
CA ILE B 70 -21.72 -16.33 -31.70
C ILE B 70 -20.82 -15.31 -32.41
N LEU B 71 -19.86 -15.63 -33.25
CA LEU B 71 -19.05 -14.63 -33.94
C LEU B 71 -19.82 -13.64 -34.80
N GLY B 72 -20.93 -14.00 -35.40
CA GLY B 72 -21.76 -13.19 -36.25
C GLY B 72 -22.44 -12.12 -35.43
N ASP B 73 -23.06 -12.45 -34.33
CA ASP B 73 -23.66 -11.42 -33.49
C ASP B 73 -22.59 -10.50 -32.88
N PHE B 74 -21.47 -11.13 -32.51
CA PHE B 74 -20.34 -10.43 -31.93
C PHE B 74 -19.81 -9.46 -32.98
N ASN B 75 -19.47 -9.99 -34.12
CA ASN B 75 -18.99 -9.09 -35.19
C ASN B 75 -19.99 -8.02 -35.58
N GLN B 76 -21.28 -8.20 -35.64
CA GLN B 76 -22.26 -7.20 -35.94
C GLN B 76 -22.25 -6.08 -34.88
N ALA B 77 -22.16 -6.40 -33.59
CA ALA B 77 -22.10 -5.47 -32.46
C ALA B 77 -20.91 -4.53 -32.57
N LEU B 78 -19.73 -5.13 -32.88
CA LEU B 78 -18.47 -4.40 -33.07
C LEU B 78 -18.78 -3.35 -34.13
N LYS B 79 -19.31 -3.80 -35.26
CA LYS B 79 -19.74 -3.02 -36.41
C LYS B 79 -20.71 -1.92 -36.00
N ASP B 80 -21.80 -2.36 -35.41
CA ASP B 80 -22.79 -1.35 -34.94
C ASP B 80 -22.16 -0.27 -34.08
N THR B 81 -21.26 -0.52 -33.16
CA THR B 81 -20.65 0.42 -32.24
C THR B 81 -19.35 1.03 -32.65
N GLY B 82 -18.52 0.39 -33.44
CA GLY B 82 -17.21 0.97 -33.78
C GLY B 82 -16.08 0.47 -32.82
N LEU B 83 -16.36 -0.38 -31.80
CA LEU B 83 -15.29 -0.88 -30.94
C LEU B 83 -14.27 -1.72 -31.78
N LYS B 84 -13.02 -1.56 -31.40
CA LYS B 84 -11.93 -2.33 -31.99
C LYS B 84 -11.78 -3.51 -31.01
N VAL B 85 -10.96 -4.47 -31.34
CA VAL B 85 -10.55 -5.68 -30.63
C VAL B 85 -9.00 -5.71 -30.76
N PRO B 86 -8.40 -4.92 -29.85
CA PRO B 86 -6.97 -4.72 -29.78
C PRO B 86 -6.17 -5.85 -29.22
N MET B 87 -6.78 -6.61 -28.33
CA MET B 87 -6.00 -7.76 -27.75
C MET B 87 -6.93 -8.92 -27.62
N VAL B 88 -6.35 -10.11 -27.82
CA VAL B 88 -7.10 -11.39 -27.63
C VAL B 88 -6.20 -12.30 -26.76
N THR B 89 -6.80 -13.14 -25.95
CA THR B 89 -6.02 -14.11 -25.14
C THR B 89 -6.75 -15.45 -25.05
N THR B 90 -6.09 -16.47 -24.54
CA THR B 90 -6.63 -17.81 -24.41
C THR B 90 -6.86 -18.24 -23.00
N ASN B 91 -7.87 -19.02 -22.71
CA ASN B 91 -8.10 -19.54 -21.34
C ASN B 91 -7.36 -20.90 -21.26
N LEU B 92 -6.31 -20.98 -20.49
CA LEU B 92 -5.50 -22.18 -20.25
C LEU B 92 -5.56 -22.41 -18.72
N PHE B 93 -6.68 -22.07 -18.10
CA PHE B 93 -6.73 -22.26 -16.66
C PHE B 93 -8.06 -22.72 -16.15
N SER B 94 -9.21 -22.56 -16.81
CA SER B 94 -10.43 -23.00 -16.06
C SER B 94 -10.87 -24.44 -16.12
N HIS B 95 -10.73 -25.00 -17.30
CA HIS B 95 -11.13 -26.39 -17.49
C HIS B 95 -10.21 -27.24 -16.63
N PRO B 96 -10.76 -28.25 -15.92
CA PRO B 96 -9.98 -29.21 -15.12
C PRO B 96 -8.80 -29.80 -15.80
N VAL B 97 -8.62 -29.98 -17.10
CA VAL B 97 -7.57 -30.45 -17.88
C VAL B 97 -6.26 -29.66 -17.70
N PHE B 98 -6.38 -28.36 -17.49
CA PHE B 98 -5.27 -27.43 -17.26
C PHE B 98 -4.93 -27.33 -15.79
N LYS B 99 -5.21 -28.28 -14.91
CA LYS B 99 -4.91 -28.31 -13.48
C LYS B 99 -3.41 -28.32 -13.14
N ASP B 100 -2.50 -28.76 -14.00
CA ASP B 100 -1.06 -28.71 -13.75
C ASP B 100 -0.42 -27.74 -14.77
N GLY B 101 -1.27 -27.02 -15.53
CA GLY B 101 -0.77 -26.06 -16.51
C GLY B 101 -1.22 -26.45 -17.92
N GLY B 102 -0.86 -25.60 -18.80
CA GLY B 102 -1.09 -25.73 -20.25
C GLY B 102 0.28 -26.15 -20.84
N PHE B 103 1.09 -25.17 -21.28
CA PHE B 103 2.42 -25.36 -21.85
C PHE B 103 3.41 -26.14 -20.98
N THR B 104 3.29 -26.06 -19.62
CA THR B 104 4.21 -26.73 -18.74
C THR B 104 3.55 -27.86 -17.95
N SER B 105 2.42 -28.35 -18.46
CA SER B 105 1.75 -29.50 -17.85
C SER B 105 2.71 -30.67 -17.82
N ASN B 106 2.69 -31.47 -16.76
CA ASN B 106 3.60 -32.66 -16.72
C ASN B 106 3.17 -33.67 -17.80
N ASP B 107 1.93 -33.82 -18.13
CA ASP B 107 1.28 -34.62 -19.11
C ASP B 107 1.56 -34.01 -20.48
N ARG B 108 2.22 -34.75 -21.33
CA ARG B 108 2.60 -34.36 -22.69
C ARG B 108 1.43 -34.13 -23.64
N SER B 109 0.37 -34.94 -23.43
CA SER B 109 -0.84 -34.85 -24.24
C SER B 109 -1.61 -33.60 -23.92
N ILE B 110 -1.52 -33.07 -22.69
CA ILE B 110 -2.16 -31.81 -22.28
C ILE B 110 -1.32 -30.67 -22.86
N ARG B 111 0.02 -30.88 -22.90
CA ARG B 111 0.91 -29.86 -23.47
C ARG B 111 0.51 -29.58 -24.90
N ARG B 112 0.32 -30.60 -25.73
CA ARG B 112 -0.09 -30.53 -27.14
C ARG B 112 -1.46 -29.91 -27.32
N PHE B 113 -2.40 -30.36 -26.43
CA PHE B 113 -3.77 -29.88 -26.41
C PHE B 113 -3.69 -28.36 -26.19
N ALA B 114 -3.02 -27.88 -25.15
CA ALA B 114 -2.87 -26.43 -24.87
C ALA B 114 -2.26 -25.55 -25.93
N LEU B 115 -1.23 -26.07 -26.56
CA LEU B 115 -0.49 -25.48 -27.66
C LEU B 115 -1.50 -25.46 -28.81
N ALA B 116 -2.27 -26.52 -29.07
CA ALA B 116 -3.26 -26.52 -30.19
C ALA B 116 -4.34 -25.49 -30.06
N LYS B 117 -4.84 -25.30 -28.86
CA LYS B 117 -5.82 -24.30 -28.47
C LYS B 117 -5.26 -22.89 -28.73
N VAL B 118 -3.97 -22.61 -28.49
CA VAL B 118 -3.30 -21.34 -28.68
C VAL B 118 -3.13 -21.02 -30.18
N LEU B 119 -2.70 -22.03 -30.92
CA LEU B 119 -2.51 -21.84 -32.37
C LEU B 119 -3.77 -21.41 -33.06
N HIS B 120 -4.92 -22.02 -32.83
CA HIS B 120 -6.21 -21.70 -33.38
C HIS B 120 -6.70 -20.34 -32.99
N ASN B 121 -6.41 -19.94 -31.75
CA ASN B 121 -6.71 -18.66 -31.11
C ASN B 121 -5.87 -17.56 -31.76
N ILE B 122 -4.67 -17.88 -32.24
CA ILE B 122 -3.81 -17.02 -33.01
C ILE B 122 -4.55 -16.73 -34.32
N ASP B 123 -5.20 -17.68 -34.96
CA ASP B 123 -5.98 -17.45 -36.18
C ASP B 123 -7.14 -16.54 -35.81
N LEU B 124 -7.92 -16.77 -34.79
CA LEU B 124 -9.02 -15.84 -34.44
C LEU B 124 -8.51 -14.44 -34.15
N ALA B 125 -7.36 -14.25 -33.46
CA ALA B 125 -6.80 -12.93 -33.12
C ALA B 125 -6.58 -12.09 -34.37
N ALA B 126 -5.87 -12.66 -35.33
CA ALA B 126 -5.55 -12.14 -36.67
C ALA B 126 -6.87 -11.79 -37.31
N GLU B 127 -7.82 -12.66 -37.46
CA GLU B 127 -9.19 -12.40 -37.97
C GLU B 127 -9.85 -11.23 -37.25
N MET B 128 -9.76 -10.97 -35.97
CA MET B 128 -10.36 -9.81 -35.31
C MET B 128 -9.60 -8.51 -35.48
N GLY B 129 -8.42 -8.50 -36.05
CA GLY B 129 -7.60 -7.33 -36.16
C GLY B 129 -6.88 -6.98 -34.86
N ALA B 130 -6.66 -7.88 -33.92
CA ALA B 130 -5.94 -7.62 -32.66
C ALA B 130 -4.47 -7.38 -33.00
N GLU B 131 -3.77 -6.52 -32.28
CA GLU B 131 -2.33 -6.34 -32.57
C GLU B 131 -1.52 -7.10 -31.52
N THR B 132 -2.06 -7.45 -30.40
CA THR B 132 -1.39 -8.12 -29.31
C THR B 132 -2.10 -9.42 -28.96
N PHE B 133 -1.27 -10.42 -28.75
CA PHE B 133 -1.85 -11.71 -28.29
C PHE B 133 -1.33 -11.91 -26.85
N VAL B 134 -2.13 -11.87 -25.83
CA VAL B 134 -1.62 -12.06 -24.47
C VAL B 134 -1.65 -13.53 -24.05
N MET B 135 -0.63 -13.88 -23.29
CA MET B 135 -0.41 -15.14 -22.59
C MET B 135 -0.26 -15.00 -21.07
N TRP B 136 -1.27 -15.40 -20.32
CA TRP B 136 -1.19 -15.41 -18.86
C TRP B 136 -1.03 -16.89 -18.43
N GLY B 137 0.07 -17.35 -17.97
CA GLY B 137 0.34 -18.71 -17.57
C GLY B 137 0.01 -18.94 -16.12
N GLY B 138 -1.23 -18.87 -15.72
CA GLY B 138 -1.86 -18.98 -14.50
C GLY B 138 -1.77 -20.33 -13.86
N ARG B 139 -1.68 -21.44 -14.60
CA ARG B 139 -1.56 -22.74 -13.92
C ARG B 139 -0.11 -23.25 -14.11
N GLU B 140 0.76 -22.47 -14.76
CA GLU B 140 2.15 -22.97 -14.85
C GLU B 140 2.88 -22.73 -13.55
N GLY B 141 3.06 -23.80 -12.75
CA GLY B 141 3.78 -23.60 -11.49
C GLY B 141 3.59 -24.80 -10.58
N SER B 142 3.59 -24.60 -9.28
CA SER B 142 3.44 -25.69 -8.33
C SER B 142 3.12 -25.23 -6.91
N GLU B 143 2.72 -26.22 -6.11
CA GLU B 143 2.47 -25.94 -4.68
C GLU B 143 3.66 -26.39 -3.88
N TYR B 144 4.32 -27.45 -4.38
CA TYR B 144 5.44 -28.23 -3.83
C TYR B 144 6.63 -28.11 -4.71
N ASP B 145 7.85 -27.99 -4.16
CA ASP B 145 9.07 -27.80 -4.95
C ASP B 145 9.52 -29.01 -5.72
N GLY B 146 9.14 -30.23 -5.36
CA GLY B 146 9.59 -31.38 -6.10
C GLY B 146 8.68 -31.86 -7.17
N SER B 147 7.60 -31.20 -7.45
CA SER B 147 6.53 -31.47 -8.38
C SER B 147 6.97 -31.33 -9.83
N LYS B 148 8.03 -30.58 -10.11
CA LYS B 148 8.55 -30.25 -11.41
C LYS B 148 10.05 -30.33 -11.53
N ASP B 149 10.48 -30.52 -12.75
CA ASP B 149 11.92 -30.43 -13.09
C ASP B 149 11.87 -28.95 -13.64
N LEU B 150 12.46 -28.10 -12.83
CA LEU B 150 12.49 -26.66 -13.05
C LEU B 150 13.22 -26.30 -14.30
N ALA B 151 14.27 -26.92 -14.78
CA ALA B 151 14.91 -26.61 -16.07
C ALA B 151 13.96 -27.05 -17.18
N ALA B 152 13.32 -28.23 -17.08
CA ALA B 152 12.38 -28.74 -18.07
C ALA B 152 11.14 -27.92 -18.25
N ALA B 153 10.64 -27.36 -17.10
CA ALA B 153 9.45 -26.52 -17.10
C ALA B 153 9.76 -25.32 -17.99
N LEU B 154 10.93 -24.67 -17.94
CA LEU B 154 11.32 -23.49 -18.73
C LEU B 154 11.55 -23.85 -20.17
N ASP B 155 12.11 -25.01 -20.46
CA ASP B 155 12.30 -25.54 -21.83
C ASP B 155 10.90 -25.73 -22.45
N ARG B 156 9.95 -26.35 -21.75
CA ARG B 156 8.58 -26.55 -22.20
C ARG B 156 7.89 -25.22 -22.37
N MET B 157 8.12 -24.20 -21.54
CA MET B 157 7.56 -22.85 -21.68
C MET B 157 8.16 -22.27 -22.94
N ARG B 158 9.47 -22.32 -23.16
CA ARG B 158 10.10 -21.80 -24.38
C ARG B 158 9.54 -22.43 -25.64
N GLU B 159 9.35 -23.76 -25.65
CA GLU B 159 8.82 -24.47 -26.84
C GLU B 159 7.45 -23.95 -27.25
N GLY B 160 6.55 -23.81 -26.26
CA GLY B 160 5.24 -23.29 -26.49
C GLY B 160 5.32 -21.90 -27.06
N VAL B 161 5.98 -20.96 -26.38
CA VAL B 161 6.04 -19.56 -26.83
C VAL B 161 6.68 -19.42 -28.19
N ASP B 162 7.78 -20.12 -28.48
CA ASP B 162 8.48 -20.03 -29.80
C ASP B 162 7.73 -20.72 -30.92
N THR B 163 6.91 -21.72 -30.61
CA THR B 163 6.10 -22.34 -31.65
C THR B 163 5.03 -21.34 -32.00
N ALA B 164 4.34 -20.73 -30.99
CA ALA B 164 3.35 -19.72 -31.37
C ALA B 164 3.92 -18.54 -32.11
N ALA B 165 5.03 -17.95 -31.86
CA ALA B 165 5.72 -16.81 -32.48
C ALA B 165 6.06 -17.10 -33.93
N GLY B 166 6.72 -18.23 -34.09
CA GLY B 166 7.15 -18.90 -35.34
C GLY B 166 5.91 -19.00 -36.23
N TYR B 167 4.81 -19.50 -35.74
CA TYR B 167 3.56 -19.56 -36.45
C TYR B 167 3.10 -18.15 -36.85
N ILE B 168 3.14 -17.12 -35.99
CA ILE B 168 2.73 -15.74 -36.35
C ILE B 168 3.53 -15.25 -37.56
N LYS B 169 4.84 -15.35 -37.44
CA LYS B 169 5.85 -15.02 -38.41
C LYS B 169 5.53 -15.79 -39.69
N ASP B 170 5.34 -17.10 -39.64
CA ASP B 170 5.00 -17.96 -40.78
C ASP B 170 3.76 -17.50 -41.50
N LYS B 171 2.68 -17.09 -40.95
CA LYS B 171 1.46 -16.62 -41.52
C LYS B 171 1.38 -15.13 -41.81
N GLY B 172 2.44 -14.43 -41.44
CA GLY B 172 2.53 -12.97 -41.53
C GLY B 172 1.42 -12.20 -40.76
N TYR B 173 0.95 -12.66 -39.62
CA TYR B 173 -0.08 -11.90 -38.89
C TYR B 173 0.64 -10.69 -38.37
N ASN B 174 -0.03 -9.63 -38.15
CA ASN B 174 0.61 -8.37 -37.62
C ASN B 174 0.23 -8.49 -36.15
N LEU B 175 0.86 -9.33 -35.36
CA LEU B 175 0.68 -9.69 -34.00
C LEU B 175 2.04 -9.88 -33.27
N ARG B 176 1.97 -9.42 -32.03
CA ARG B 176 3.03 -9.54 -31.05
C ARG B 176 2.52 -10.33 -29.86
N ILE B 177 3.38 -11.13 -29.21
CA ILE B 177 2.95 -11.85 -27.99
C ILE B 177 3.32 -11.02 -26.73
N ALA B 178 2.50 -11.00 -25.71
CA ALA B 178 2.84 -10.22 -24.49
C ALA B 178 2.65 -11.18 -23.34
N LEU B 179 3.68 -11.54 -22.57
CA LEU B 179 3.50 -12.44 -21.42
C LEU B 179 3.05 -11.62 -20.20
N GLU B 180 2.18 -12.23 -19.43
CA GLU B 180 1.64 -11.63 -18.20
C GLU B 180 2.04 -12.40 -16.95
N PRO B 181 2.98 -11.76 -16.21
CA PRO B 181 3.54 -12.29 -14.98
C PRO B 181 2.56 -12.17 -13.84
N LYS B 182 2.67 -13.12 -12.93
CA LYS B 182 1.89 -13.23 -11.72
C LYS B 182 2.74 -14.16 -10.82
N PRO B 183 2.95 -13.73 -9.56
CA PRO B 183 3.77 -14.46 -8.63
C PRO B 183 3.17 -15.72 -8.05
N ASN B 184 1.86 -15.68 -7.80
CA ASN B 184 1.09 -16.82 -7.27
C ASN B 184 -0.40 -16.58 -7.56
N GLU B 185 -1.20 -17.57 -7.21
CA GLU B 185 -2.64 -17.72 -7.27
C GLU B 185 -3.12 -17.73 -8.71
N PRO B 186 -3.62 -18.82 -9.27
CA PRO B 186 -3.96 -20.04 -8.55
C PRO B 186 -2.97 -21.03 -8.07
N ARG B 187 -1.75 -21.03 -8.50
CA ARG B 187 -0.69 -21.96 -8.05
C ARG B 187 -0.01 -21.28 -6.86
N GLY B 188 0.66 -22.13 -6.08
CA GLY B 188 1.39 -21.63 -4.92
C GLY B 188 2.50 -20.72 -5.43
N ASP B 189 3.27 -21.09 -6.48
CA ASP B 189 4.35 -20.40 -7.12
C ASP B 189 4.10 -20.48 -8.66
N ILE B 190 4.08 -19.37 -9.35
CA ILE B 190 3.85 -19.36 -10.79
C ILE B 190 5.23 -19.13 -11.42
N PHE B 191 5.50 -19.76 -12.55
CA PHE B 191 6.80 -19.54 -13.23
C PHE B 191 6.76 -18.18 -13.83
N LEU B 192 7.88 -17.47 -13.93
CA LEU B 192 8.01 -16.09 -14.47
C LEU B 192 7.11 -15.24 -13.59
N PRO B 193 7.37 -15.17 -12.27
CA PRO B 193 6.48 -14.48 -11.37
C PRO B 193 6.51 -13.01 -11.39
N THR B 194 7.45 -12.27 -11.93
CA THR B 194 7.45 -10.83 -11.90
C THR B 194 7.83 -10.24 -13.23
N VAL B 195 7.84 -8.93 -13.40
CA VAL B 195 8.29 -8.34 -14.70
C VAL B 195 9.70 -8.83 -15.03
N GLY B 196 10.66 -8.75 -14.10
CA GLY B 196 12.01 -9.17 -14.30
C GLY B 196 12.17 -10.55 -14.90
N HIS B 197 11.52 -11.54 -14.27
CA HIS B 197 11.55 -12.94 -14.72
C HIS B 197 11.01 -13.05 -16.13
N GLY B 198 9.89 -12.39 -16.42
CA GLY B 198 9.28 -12.38 -17.75
C GLY B 198 10.25 -11.82 -18.75
N LEU B 199 10.91 -10.70 -18.54
CA LEU B 199 11.85 -10.03 -19.39
C LEU B 199 13.10 -10.85 -19.66
N ALA B 200 13.63 -11.56 -18.67
CA ALA B 200 14.84 -12.39 -18.79
C ALA B 200 14.52 -13.55 -19.69
N PHE B 201 13.39 -14.18 -19.42
CA PHE B 201 12.85 -15.33 -20.14
C PHE B 201 12.75 -15.06 -21.63
N ILE B 202 12.19 -13.92 -22.05
CA ILE B 202 12.13 -13.54 -23.46
C ILE B 202 13.51 -13.54 -24.11
N GLU B 203 14.61 -13.20 -23.45
CA GLU B 203 15.95 -13.15 -23.94
C GLU B 203 16.54 -14.48 -24.33
N GLN B 204 16.02 -15.61 -24.01
CA GLN B 204 16.32 -16.98 -24.21
C GLN B 204 15.52 -17.63 -25.34
N LEU B 205 14.64 -16.90 -25.96
CA LEU B 205 13.78 -17.41 -27.00
C LEU B 205 14.45 -17.20 -28.34
N GLU B 206 13.99 -18.06 -29.24
CA GLU B 206 14.49 -18.02 -30.65
C GLU B 206 13.84 -16.79 -31.27
N HIS B 207 12.55 -16.62 -31.11
CA HIS B 207 11.75 -15.54 -31.64
C HIS B 207 11.40 -14.44 -30.68
N GLY B 208 12.25 -14.04 -29.77
CA GLY B 208 12.08 -12.96 -28.80
C GLY B 208 11.72 -11.62 -29.31
N ASP B 209 12.02 -11.24 -30.52
CA ASP B 209 11.80 -10.04 -31.29
C ASP B 209 10.32 -9.66 -31.32
N ILE B 210 9.43 -10.65 -31.37
CA ILE B 210 7.99 -10.38 -31.35
C ILE B 210 7.36 -10.68 -30.01
N VAL B 211 8.10 -10.98 -28.98
CA VAL B 211 7.63 -11.29 -27.59
C VAL B 211 7.98 -10.14 -26.63
N GLY B 212 7.00 -9.74 -25.86
CA GLY B 212 7.17 -8.61 -24.91
C GLY B 212 6.37 -8.83 -23.65
N LEU B 213 5.99 -7.83 -22.90
CA LEU B 213 5.27 -8.08 -21.66
C LEU B 213 3.92 -7.36 -21.58
N ASN B 214 3.12 -7.80 -20.62
CA ASN B 214 1.80 -7.29 -20.24
C ASN B 214 1.75 -7.25 -18.71
N PRO B 215 2.46 -6.31 -18.08
CA PRO B 215 2.54 -6.21 -16.62
C PRO B 215 1.18 -5.88 -16.06
N GLU B 216 0.80 -6.25 -14.86
CA GLU B 216 -0.49 -5.89 -14.29
C GLU B 216 -0.20 -5.34 -12.90
N THR B 217 -0.66 -4.13 -12.56
CA THR B 217 -0.48 -3.42 -11.30
C THR B 217 -0.52 -4.29 -10.06
N GLY B 218 -1.59 -5.01 -9.81
CA GLY B 218 -1.90 -5.89 -8.76
C GLY B 218 -0.96 -7.04 -8.55
N HIS B 219 -0.53 -7.60 -9.66
CA HIS B 219 0.42 -8.67 -9.74
C HIS B 219 1.80 -8.24 -9.28
N GLU B 220 2.42 -7.19 -9.77
CA GLU B 220 3.75 -6.85 -9.13
C GLU B 220 3.54 -6.52 -7.68
N GLN B 221 2.47 -5.84 -7.24
CA GLN B 221 2.16 -5.51 -5.86
C GLN B 221 1.92 -6.69 -4.96
N MET B 222 1.60 -7.88 -5.38
CA MET B 222 1.45 -9.17 -4.69
C MET B 222 2.87 -9.67 -4.29
N ALA B 223 3.98 -9.21 -4.90
CA ALA B 223 5.34 -9.51 -4.51
C ALA B 223 5.90 -8.32 -3.71
N GLY B 224 5.16 -7.24 -3.50
CA GLY B 224 5.60 -6.05 -2.79
C GLY B 224 6.45 -5.12 -3.59
N LEU B 225 6.52 -5.26 -4.93
CA LEU B 225 7.36 -4.49 -5.84
C LEU B 225 6.71 -3.15 -6.27
N ASN B 226 7.57 -2.23 -6.69
CA ASN B 226 7.21 -0.89 -7.15
C ASN B 226 6.81 -1.05 -8.62
N PHE B 227 5.51 -0.91 -8.87
CA PHE B 227 4.96 -1.08 -10.21
C PHE B 227 5.55 -0.15 -11.20
N THR B 228 5.73 1.14 -10.88
CA THR B 228 6.38 2.15 -11.75
C THR B 228 7.81 1.79 -12.06
N HIS B 229 8.54 1.34 -11.05
CA HIS B 229 9.89 0.83 -11.21
C HIS B 229 9.90 -0.28 -12.27
N GLY B 230 9.13 -1.34 -12.10
CA GLY B 230 8.95 -2.49 -12.96
C GLY B 230 8.53 -2.13 -14.34
N ILE B 231 7.51 -1.31 -14.60
CA ILE B 231 7.15 -0.88 -16.01
C ILE B 231 8.21 -0.02 -16.66
N ALA B 232 8.93 0.81 -15.87
CA ALA B 232 10.04 1.61 -16.30
C ALA B 232 11.09 0.73 -16.97
N GLN B 233 11.45 -0.39 -16.33
CA GLN B 233 12.40 -1.41 -16.75
C GLN B 233 11.89 -2.11 -18.02
N ALA B 234 10.61 -2.42 -18.08
CA ALA B 234 9.97 -3.01 -19.28
C ALA B 234 10.12 -1.98 -20.38
N LEU B 235 9.70 -0.73 -20.17
CA LEU B 235 9.79 0.38 -21.14
C LEU B 235 11.22 0.63 -21.61
N TRP B 236 12.19 0.77 -20.70
CA TRP B 236 13.61 0.94 -20.95
C TRP B 236 14.10 -0.16 -21.89
N ALA B 237 13.71 -1.43 -21.74
CA ALA B 237 14.10 -2.56 -22.59
C ALA B 237 13.37 -2.63 -23.91
N GLU B 238 12.35 -1.83 -24.11
CA GLU B 238 11.53 -1.73 -25.31
C GLU B 238 10.62 -2.94 -25.45
N LYS B 239 10.10 -3.41 -24.29
CA LYS B 239 9.30 -4.60 -24.22
C LYS B 239 7.97 -4.37 -23.59
N LEU B 240 7.51 -3.16 -23.34
CA LEU B 240 6.20 -2.85 -22.72
C LEU B 240 5.18 -2.80 -23.87
N PHE B 241 4.60 -3.91 -24.19
CA PHE B 241 3.71 -4.11 -25.33
C PHE B 241 2.27 -3.88 -24.98
N HIS B 242 1.91 -4.03 -23.73
CA HIS B 242 0.48 -3.78 -23.37
C HIS B 242 0.52 -3.57 -21.87
N ILE B 243 -0.59 -3.20 -21.26
CA ILE B 243 -0.58 -3.00 -19.81
C ILE B 243 -2.01 -3.23 -19.30
N ASP B 244 -2.05 -3.76 -18.09
CA ASP B 244 -3.25 -4.05 -17.34
C ASP B 244 -3.19 -3.18 -16.04
N LEU B 245 -4.11 -2.28 -15.89
CA LEU B 245 -4.30 -1.33 -14.83
C LEU B 245 -5.46 -1.73 -13.88
N ASN B 246 -5.24 -1.72 -12.57
CA ASN B 246 -6.22 -2.10 -11.58
C ASN B 246 -5.65 -1.68 -10.20
N GLY B 247 -6.33 -2.12 -9.19
CA GLY B 247 -5.95 -1.77 -7.80
C GLY B 247 -5.78 -3.05 -6.97
N GLN B 248 -4.86 -2.93 -6.04
CA GLN B 248 -4.50 -4.00 -5.11
C GLN B 248 -4.18 -3.31 -3.79
N ARG B 249 -4.76 -3.71 -2.69
CA ARG B 249 -4.36 -3.03 -1.45
C ARG B 249 -3.40 -3.99 -0.76
N GLY B 250 -2.12 -4.13 -0.98
CA GLY B 250 -1.34 -5.09 -0.20
C GLY B 250 -1.19 -6.46 -0.80
N ILE B 251 -0.34 -7.24 -0.12
CA ILE B 251 0.05 -8.64 -0.43
C ILE B 251 -1.02 -9.54 0.21
N LYS B 252 -1.83 -10.02 -0.70
CA LYS B 252 -2.96 -10.91 -0.39
C LYS B 252 -3.42 -11.42 -1.76
N TYR B 253 -4.60 -11.99 -1.78
CA TYR B 253 -5.16 -12.54 -3.01
C TYR B 253 -5.26 -11.46 -4.05
N ASP B 254 -5.34 -11.82 -5.32
CA ASP B 254 -5.51 -10.84 -6.44
C ASP B 254 -6.87 -10.17 -6.26
N GLN B 255 -6.93 -8.92 -5.84
CA GLN B 255 -8.21 -8.21 -5.67
C GLN B 255 -8.80 -7.67 -6.97
N ASP B 256 -8.10 -7.21 -7.96
CA ASP B 256 -8.56 -6.60 -9.22
C ASP B 256 -9.54 -5.47 -8.94
N LEU B 257 -9.23 -4.49 -8.11
CA LEU B 257 -10.12 -3.37 -7.76
C LEU B 257 -10.05 -2.38 -8.93
N VAL B 258 -10.81 -1.27 -8.82
CA VAL B 258 -10.64 -0.28 -9.94
C VAL B 258 -9.25 0.35 -9.93
N PHE B 259 -8.76 0.83 -11.07
CA PHE B 259 -7.47 1.54 -11.08
C PHE B 259 -7.58 2.74 -10.15
N GLY B 260 -6.69 2.94 -9.20
CA GLY B 260 -6.77 4.08 -8.26
C GLY B 260 -7.39 3.72 -6.97
N HIS B 261 -8.07 2.57 -6.78
CA HIS B 261 -8.68 2.12 -5.56
C HIS B 261 -7.76 1.24 -4.71
N GLY B 262 -6.54 1.04 -5.09
CA GLY B 262 -5.46 0.38 -4.41
C GLY B 262 -4.48 1.48 -3.89
N ASP B 263 -3.22 1.37 -4.26
CA ASP B 263 -2.13 2.26 -3.91
C ASP B 263 -2.26 3.53 -4.75
N LEU B 264 -2.90 4.54 -4.21
CA LEU B 264 -3.12 5.80 -4.94
C LEU B 264 -1.91 6.56 -5.37
N THR B 265 -0.90 6.72 -4.52
CA THR B 265 0.31 7.45 -4.88
C THR B 265 1.00 6.70 -5.95
N SER B 266 1.11 5.38 -5.93
CA SER B 266 1.75 4.60 -7.04
C SER B 266 1.07 4.71 -8.38
N ALA B 267 -0.27 4.75 -8.37
CA ALA B 267 -1.16 4.95 -9.52
C ALA B 267 -0.86 6.33 -10.09
N PHE B 268 -0.71 7.37 -9.26
CA PHE B 268 -0.34 8.70 -9.75
C PHE B 268 0.94 8.64 -10.57
N PHE B 269 2.01 8.08 -10.05
CA PHE B 269 3.31 7.92 -10.68
C PHE B 269 3.22 6.96 -11.84
N THR B 270 2.33 5.97 -11.89
CA THR B 270 2.13 5.09 -13.04
C THR B 270 1.57 5.95 -14.19
N VAL B 271 0.52 6.74 -13.90
CA VAL B 271 -0.05 7.65 -14.90
C VAL B 271 1.01 8.66 -15.32
N ASP B 272 1.85 9.28 -14.53
CA ASP B 272 2.88 10.20 -14.97
C ASP B 272 3.76 9.44 -15.90
N LEU B 273 4.28 8.24 -15.63
CA LEU B 273 5.13 7.52 -16.60
C LEU B 273 4.40 7.26 -17.91
N LEU B 274 3.15 6.85 -17.95
CA LEU B 274 2.49 6.52 -19.21
C LEU B 274 2.22 7.75 -20.09
N GLU B 275 1.78 8.79 -19.43
CA GLU B 275 1.47 10.03 -20.06
C GLU B 275 2.66 10.91 -20.31
N ASN B 276 3.50 11.20 -19.37
CA ASN B 276 4.64 12.07 -19.44
C ASN B 276 5.89 11.31 -19.78
N GLY B 277 6.00 10.03 -19.50
CA GLY B 277 7.31 9.39 -19.91
C GLY B 277 8.40 9.80 -18.93
N PHE B 278 9.64 9.92 -19.39
CA PHE B 278 10.77 10.24 -18.50
C PHE B 278 11.23 11.66 -18.44
N PRO B 279 11.56 12.19 -17.25
CA PRO B 279 12.08 13.55 -17.06
C PRO B 279 13.11 14.06 -18.04
N ASN B 280 14.12 13.31 -18.40
CA ASN B 280 15.20 13.58 -19.28
C ASN B 280 14.80 13.10 -20.67
N GLY B 281 13.65 12.57 -21.02
CA GLY B 281 13.45 12.12 -22.42
C GLY B 281 13.86 10.67 -22.50
N GLY B 282 13.38 9.94 -23.47
CA GLY B 282 13.64 8.50 -23.71
C GLY B 282 12.35 7.96 -24.34
N PRO B 283 12.11 6.65 -24.11
CA PRO B 283 10.96 5.92 -24.66
C PRO B 283 9.63 6.30 -24.10
N LYS B 284 8.54 6.04 -24.84
CA LYS B 284 7.19 6.41 -24.40
C LYS B 284 6.26 5.21 -24.60
N TYR B 285 5.23 5.00 -23.84
CA TYR B 285 4.34 3.84 -24.09
C TYR B 285 3.14 4.46 -24.82
N THR B 286 2.86 3.92 -25.97
CA THR B 286 1.75 4.46 -26.78
C THR B 286 0.67 3.48 -27.10
N GLY B 287 0.55 2.37 -26.42
CA GLY B 287 -0.46 1.37 -26.67
C GLY B 287 -1.70 1.75 -25.94
N PRO B 288 -2.63 0.81 -25.86
CA PRO B 288 -3.89 1.04 -25.13
C PRO B 288 -3.74 0.89 -23.61
N ARG B 289 -4.65 1.53 -22.89
CA ARG B 289 -4.74 1.54 -21.45
C ARG B 289 -5.91 0.56 -21.20
N HIS B 290 -5.55 -0.66 -20.83
CA HIS B 290 -6.50 -1.75 -20.61
C HIS B 290 -6.75 -1.92 -19.13
N PHE B 291 -8.04 -2.12 -18.85
CA PHE B 291 -8.44 -2.27 -17.44
C PHE B 291 -8.80 -3.72 -17.15
N ASP B 292 -7.87 -4.35 -16.41
CA ASP B 292 -8.08 -5.76 -15.99
C ASP B 292 -8.48 -5.75 -14.47
N TYR B 293 -9.74 -5.51 -14.20
CA TYR B 293 -10.32 -5.45 -12.84
C TYR B 293 -11.60 -6.29 -12.77
N LYS B 294 -12.20 -6.32 -11.58
CA LYS B 294 -13.39 -7.03 -11.22
C LYS B 294 -14.28 -6.20 -10.30
N PRO B 295 -15.51 -6.01 -10.78
CA PRO B 295 -16.53 -5.29 -10.04
C PRO B 295 -16.84 -6.09 -8.77
N SER B 296 -16.73 -5.42 -7.62
CA SER B 296 -16.98 -5.96 -6.29
C SER B 296 -18.34 -6.66 -6.30
N ARG B 297 -18.29 -7.88 -5.73
CA ARG B 297 -19.40 -8.82 -5.67
C ARG B 297 -20.61 -8.37 -4.89
N THR B 298 -20.49 -7.48 -3.98
CA THR B 298 -21.52 -6.85 -3.20
C THR B 298 -22.41 -5.92 -4.02
N ASP B 299 -21.93 -5.42 -5.18
CA ASP B 299 -22.66 -4.51 -6.01
C ASP B 299 -23.40 -5.22 -7.13
N GLY B 300 -24.55 -4.61 -7.46
CA GLY B 300 -25.39 -5.16 -8.57
C GLY B 300 -24.94 -4.60 -9.89
N TYR B 301 -25.66 -4.77 -10.99
CA TYR B 301 -25.26 -4.23 -12.30
C TYR B 301 -25.05 -2.75 -12.46
N ASP B 302 -25.63 -1.91 -11.58
CA ASP B 302 -25.44 -0.44 -11.55
C ASP B 302 -24.00 -0.27 -11.10
N GLY B 303 -23.54 -1.08 -10.14
CA GLY B 303 -22.14 -1.08 -9.69
C GLY B 303 -21.23 -1.46 -10.86
N VAL B 304 -21.59 -2.49 -11.61
CA VAL B 304 -20.76 -2.90 -12.79
C VAL B 304 -20.55 -1.75 -13.73
N TRP B 305 -21.57 -1.04 -14.21
CA TRP B 305 -21.32 0.11 -15.13
C TRP B 305 -20.67 1.26 -14.42
N ASP B 306 -20.89 1.46 -13.15
CA ASP B 306 -20.29 2.43 -12.26
C ASP B 306 -18.76 2.17 -12.21
N SER B 307 -18.39 0.92 -12.00
CA SER B 307 -16.96 0.54 -11.91
C SER B 307 -16.24 0.76 -13.19
N ALA B 308 -16.76 0.41 -14.35
CA ALA B 308 -16.16 0.67 -15.68
C ALA B 308 -15.86 2.15 -15.92
N LYS B 309 -16.74 3.08 -15.61
CA LYS B 309 -16.64 4.53 -15.75
C LYS B 309 -15.59 5.07 -14.75
N ALA B 310 -15.65 4.54 -13.52
CA ALA B 310 -14.73 4.87 -12.43
C ALA B 310 -13.28 4.56 -12.85
N ASN B 311 -12.94 3.51 -13.57
CA ASN B 311 -11.59 3.27 -14.00
C ASN B 311 -11.06 4.38 -14.87
N MET B 312 -11.90 4.83 -15.83
CA MET B 312 -11.66 5.87 -16.85
C MET B 312 -11.54 7.22 -16.16
N SER B 313 -12.45 7.54 -15.28
CA SER B 313 -12.51 8.73 -14.44
C SER B 313 -11.20 8.91 -13.67
N MET B 314 -10.82 7.90 -12.93
CA MET B 314 -9.67 7.77 -12.10
C MET B 314 -8.43 8.07 -12.92
N TYR B 315 -8.26 7.41 -14.06
CA TYR B 315 -7.15 7.65 -14.94
C TYR B 315 -7.12 9.08 -15.46
N LEU B 316 -8.26 9.69 -15.79
CA LEU B 316 -8.30 11.07 -16.32
C LEU B 316 -8.08 12.05 -15.17
N LEU B 317 -8.53 11.80 -13.96
CA LEU B 317 -8.26 12.72 -12.87
C LEU B 317 -6.77 12.64 -12.52
N LEU B 318 -6.18 11.45 -12.46
CA LEU B 318 -4.76 11.35 -12.19
C LEU B 318 -3.93 12.00 -13.29
N LYS B 319 -4.24 11.83 -14.54
CA LYS B 319 -3.64 12.38 -15.73
C LYS B 319 -3.56 13.92 -15.71
N GLU B 320 -4.63 14.56 -15.31
CA GLU B 320 -4.82 15.97 -15.13
C GLU B 320 -3.90 16.55 -14.06
N ARG B 321 -3.83 15.92 -12.90
CA ARG B 321 -2.93 16.31 -11.81
C ARG B 321 -1.50 15.97 -12.16
N ALA B 322 -1.17 14.97 -12.94
CA ALA B 322 0.14 14.58 -13.37
C ALA B 322 0.67 15.56 -14.42
N LEU B 323 -0.17 16.14 -15.26
CA LEU B 323 0.20 17.14 -16.26
C LEU B 323 0.47 18.47 -15.53
N ALA B 324 -0.31 18.89 -14.61
CA ALA B 324 -0.13 20.10 -13.82
C ALA B 324 1.09 20.09 -12.92
N PHE B 325 1.47 18.94 -12.40
CA PHE B 325 2.58 18.61 -11.56
C PHE B 325 3.91 18.82 -12.30
N ARG B 326 4.05 18.31 -13.48
CA ARG B 326 5.25 18.42 -14.26
C ARG B 326 5.42 19.78 -14.90
N ALA B 327 4.34 20.48 -15.15
CA ALA B 327 4.26 21.81 -15.69
C ALA B 327 4.61 22.91 -14.71
N ASP B 328 4.43 22.65 -13.45
CA ASP B 328 4.66 23.54 -12.34
C ASP B 328 6.13 23.86 -12.19
N PRO B 329 6.41 25.16 -12.35
CA PRO B 329 7.76 25.73 -12.24
C PRO B 329 8.41 25.54 -10.90
N GLU B 330 7.72 25.45 -9.79
CA GLU B 330 8.33 25.11 -8.52
C GLU B 330 8.73 23.62 -8.53
N VAL B 331 8.04 22.70 -9.17
CA VAL B 331 8.31 21.30 -9.28
C VAL B 331 9.56 21.09 -10.13
N GLN B 332 9.62 21.81 -11.24
CA GLN B 332 10.74 21.78 -12.16
C GLN B 332 12.03 22.21 -11.45
N GLU B 333 12.00 23.21 -10.63
CA GLU B 333 13.10 23.71 -9.82
C GLU B 333 13.43 22.76 -8.68
N ALA B 334 12.45 22.15 -8.01
CA ALA B 334 12.55 21.14 -6.99
C ALA B 334 13.30 19.95 -7.65
N MET B 335 12.97 19.50 -8.86
CA MET B 335 13.61 18.45 -9.60
C MET B 335 15.07 18.71 -9.93
N LYS B 336 15.43 19.95 -10.22
CA LYS B 336 16.79 20.40 -10.55
C LYS B 336 17.63 20.36 -9.30
N THR B 337 17.12 20.80 -8.15
CA THR B 337 17.78 20.74 -6.84
C THR B 337 18.13 19.30 -6.44
N SER B 338 17.18 18.39 -6.58
CA SER B 338 17.27 16.98 -6.28
C SER B 338 18.17 16.18 -7.22
N GLY B 339 18.60 16.73 -8.36
CA GLY B 339 19.45 16.09 -9.31
C GLY B 339 18.80 15.13 -10.27
N VAL B 340 17.52 15.29 -10.53
CA VAL B 340 16.72 14.45 -11.46
C VAL B 340 17.28 14.61 -12.86
N PHE B 341 17.60 15.78 -13.34
CA PHE B 341 18.20 16.10 -14.63
C PHE B 341 19.64 15.74 -14.51
N GLU B 342 20.42 15.99 -13.48
CA GLU B 342 21.82 15.58 -13.34
C GLU B 342 22.05 14.10 -13.51
N LEU B 343 21.11 13.22 -13.16
CA LEU B 343 21.15 11.79 -13.34
C LEU B 343 21.25 11.40 -14.81
N GLY B 344 20.71 12.23 -15.75
CA GLY B 344 20.72 12.15 -17.14
C GLY B 344 22.11 12.39 -17.70
N GLU B 345 23.06 13.00 -17.08
CA GLU B 345 24.40 13.18 -17.64
C GLU B 345 25.25 11.93 -17.54
N THR B 346 26.02 11.61 -18.58
CA THR B 346 26.85 10.39 -18.49
C THR B 346 27.82 10.60 -17.33
N THR B 347 28.26 9.51 -16.69
CA THR B 347 29.21 9.51 -15.61
C THR B 347 30.58 9.91 -16.13
N LEU B 348 30.92 9.24 -17.24
CA LEU B 348 32.22 9.42 -17.91
C LEU B 348 32.16 10.62 -18.86
N ASN B 349 33.29 11.32 -19.03
CA ASN B 349 33.30 12.44 -20.03
C ASN B 349 33.46 11.80 -21.42
N ALA B 350 32.99 12.50 -22.43
CA ALA B 350 33.06 12.01 -23.84
C ALA B 350 34.52 11.67 -24.16
N GLY B 351 34.77 10.44 -24.56
CA GLY B 351 36.10 9.95 -24.79
C GLY B 351 36.81 9.45 -23.55
N GLU B 352 36.37 9.63 -22.32
CA GLU B 352 37.15 9.13 -21.15
C GLU B 352 37.07 7.63 -21.03
N SER B 353 38.17 6.98 -20.72
CA SER B 353 38.23 5.53 -20.58
C SER B 353 38.22 5.20 -19.10
N ALA B 354 37.99 3.93 -18.85
CA ALA B 354 38.05 3.35 -17.50
C ALA B 354 39.49 3.69 -17.05
N ALA B 355 40.60 3.41 -17.69
CA ALA B 355 41.91 3.83 -17.23
C ALA B 355 41.93 5.35 -17.13
N ASP B 356 41.53 6.15 -18.09
CA ASP B 356 41.54 7.61 -17.94
C ASP B 356 40.89 8.08 -16.68
N LEU B 357 39.57 7.78 -16.57
CA LEU B 357 38.88 8.12 -15.31
C LEU B 357 39.71 7.23 -14.45
N MET B 358 39.89 5.99 -14.17
CA MET B 358 40.54 5.06 -13.35
C MET B 358 40.81 5.48 -11.88
N ASN B 359 39.94 6.32 -11.52
CA ASN B 359 38.92 7.08 -10.98
C ASN B 359 38.96 8.57 -11.03
N ASP B 360 39.99 9.18 -11.60
CA ASP B 360 40.79 10.38 -11.96
C ASP B 360 41.12 11.18 -10.69
N SER B 361 41.97 11.94 -9.92
CA SER B 361 41.26 12.35 -8.64
C SER B 361 41.40 13.89 -8.37
N ALA B 362 40.41 14.54 -8.66
CA ALA B 362 39.45 15.13 -9.37
C ALA B 362 38.44 13.96 -9.04
N SER B 363 38.29 12.73 -9.39
CA SER B 363 37.30 11.78 -8.97
C SER B 363 37.54 10.60 -8.09
N PHE B 364 38.74 10.28 -7.60
CA PHE B 364 39.18 9.22 -6.68
C PHE B 364 40.07 9.58 -5.45
N ALA B 365 41.42 9.66 -5.61
CA ALA B 365 42.40 10.10 -4.61
C ALA B 365 42.20 11.47 -4.02
N GLY B 366 42.03 12.58 -4.66
CA GLY B 366 41.81 13.87 -4.06
C GLY B 366 40.40 14.31 -3.92
N PHE B 367 39.45 13.36 -3.88
CA PHE B 367 38.01 13.62 -3.78
C PHE B 367 37.61 13.93 -2.35
N ASP B 368 36.79 14.92 -2.19
CA ASP B 368 36.38 15.19 -0.78
C ASP B 368 35.03 14.49 -0.59
N ALA B 369 35.08 13.31 -0.03
CA ALA B 369 33.88 12.47 0.17
C ALA B 369 32.98 13.06 1.23
N GLU B 370 33.55 13.53 2.30
CA GLU B 370 32.91 14.18 3.44
C GLU B 370 32.21 15.45 3.00
N ALA B 371 32.74 16.23 2.07
CA ALA B 371 32.09 17.43 1.56
C ALA B 371 30.95 17.04 0.60
N ALA B 372 31.16 16.08 -0.32
CA ALA B 372 30.12 15.65 -1.27
C ALA B 372 28.96 15.10 -0.45
N ALA B 373 29.10 14.38 0.66
CA ALA B 373 28.09 13.89 1.56
C ALA B 373 27.23 14.91 2.21
N GLU B 374 27.45 16.20 2.19
CA GLU B 374 26.63 17.22 2.87
C GLU B 374 25.42 17.54 2.04
N ARG B 375 25.50 17.40 0.75
CA ARG B 375 24.40 17.70 -0.16
C ARG B 375 23.03 17.31 0.38
N ASN B 376 22.14 18.26 0.25
CA ASN B 376 20.75 18.07 0.67
C ASN B 376 20.06 17.66 -0.62
N PHE B 377 19.69 16.35 -0.78
CA PHE B 377 19.01 15.95 -2.06
C PHE B 377 17.60 16.53 -2.10
N ALA B 378 16.97 16.78 -0.97
CA ALA B 378 15.65 17.40 -0.82
C ALA B 378 14.62 16.53 -1.48
N PHE B 379 14.62 15.22 -1.31
CA PHE B 379 13.68 14.24 -1.91
C PHE B 379 12.35 14.30 -1.23
N ILE B 380 12.33 14.62 0.09
CA ILE B 380 11.17 14.73 0.94
C ILE B 380 10.36 15.91 0.42
N ARG B 381 10.99 17.07 0.26
CA ARG B 381 10.29 18.27 -0.26
C ARG B 381 9.72 17.97 -1.66
N LEU B 382 10.46 17.31 -2.55
CA LEU B 382 10.04 16.90 -3.83
C LEU B 382 8.84 15.95 -3.68
N ASN B 383 8.82 15.02 -2.72
CA ASN B 383 7.68 14.13 -2.58
C ASN B 383 6.44 14.89 -2.17
N GLN B 384 6.52 15.87 -1.28
CA GLN B 384 5.48 16.73 -0.80
C GLN B 384 4.83 17.53 -1.93
N LEU B 385 5.57 17.98 -2.92
CA LEU B 385 5.15 18.67 -4.13
C LEU B 385 4.27 17.74 -4.98
N ALA B 386 4.63 16.47 -5.13
CA ALA B 386 3.81 15.50 -5.86
C ALA B 386 2.54 15.23 -5.07
N ILE B 387 2.51 15.00 -3.77
CA ILE B 387 1.29 14.73 -3.01
C ILE B 387 0.33 15.90 -3.07
N GLU B 388 0.78 17.12 -2.93
CA GLU B 388 -0.02 18.35 -3.00
C GLU B 388 -0.68 18.53 -4.32
N HIS B 389 -0.07 18.21 -5.43
CA HIS B 389 -0.52 18.21 -6.79
C HIS B 389 -1.58 17.12 -6.94
N LEU B 390 -1.39 15.96 -6.33
CA LEU B 390 -2.30 14.85 -6.37
C LEU B 390 -3.57 15.13 -5.60
N LEU B 391 -3.46 15.80 -4.47
CA LEU B 391 -4.50 16.21 -3.58
C LEU B 391 -5.29 17.39 -4.07
N GLY B 392 -4.95 18.09 -5.10
CA GLY B 392 -5.42 19.17 -5.85
C GLY B 392 -5.18 20.51 -5.23
N SER B 393 -4.37 20.58 -4.23
CA SER B 393 -3.93 21.61 -3.35
C SER B 393 -3.12 22.67 -4.08
N ARG B 394 -2.23 22.32 -4.97
CA ARG B 394 -1.41 23.21 -5.74
C ARG B 394 -2.15 23.58 -7.04
MN MN C . 8.09 2.72 13.51
MN MN D . 6.36 4.69 17.56
MN MN E . -5.09 -10.00 -11.60
MN MN F . -4.46 -9.50 -16.13
#